data_2P8Y
#
_entry.id   2P8Y
#
_cell.length_a   1.0
_cell.length_b   1.0
_cell.length_c   1.0
_cell.angle_alpha   90.0
_cell.angle_beta   90.0
_cell.angle_gamma   90.0
#
_symmetry.space_group_name_H-M   'P 1'
#
loop_
_entity.id
_entity.type
_entity.pdbx_description
1 polymer 'Elongation factor 2'
2 non-polymer ADENOSINE-5-DIPHOSPHORIBOSE
3 non-polymer '[1R-(1.ALPHA.,3A.BETA.,4.BETA.,4A.BETA.,7.BETA.,7A.ALPHA.,8A.BETA.)]8A-[(6-DEOXY-4-O-METHYL-BETA-D-ALTROPYRANOSYLOXY)METHYL]-4-FORMYL-4,4A,5,6,7,7A,8,8A-OCTAHYDRO-7-METHYL-3-(1-METHYLETHYL)-1,4-METHANO-S-INDACENE-3A(1H)-CARBOXYLIC ACID'
4 non-polymer "GUANOSINE-5'-DIPHOSPHATE"
#
_entity_poly.entity_id   1
_entity_poly.type   'polypeptide(L)'
_entity_poly.pdbx_seq_one_letter_code
;MVAFTVDQMRSLMDKVTNVRNMSVIAHVDHGKSTLTDSLVQRAGIISAAKAGEARFTDTRKDEQERGITIKSTAISLYSE
MSDEDVKEIKQKTDGNSFLINLIDSPGHVDFSSEVTAALRVTDGALVVVDTIEGVCVQTETVLRQALGERIKPVVVINKV
DRALLELQVSKEDLYQTFARTVESVNVIVSTYADEVLGDVQVYPARGTVAFGSGLHGWAFTIRQFATRYAKKFGVDKAKM
MDRLWGDSFFNPKTKKWTNKDTDAEGKPLERAFNMFILDPIFRLFTAIMNFKKDEIPVLLEKLEIVLKGDEKDLEGKALL
KVVMRKFLPAADALLEMIVLHLPSPVTAQAYRAEQLYEGPADDANCIAIKNCDPKADLMLYVSKMVPTSDKGRFYAFGRV
FAGTVKSGQKVRIQGPNYVPGKKDDLFIKAIQRVVLMMGRFVEPIDDCPAGNIIGLVGIDQFLLKTGTLTTSETAHNMKV
MKFSVSPVVQVAVEVKNANDLPKLVEGLKRLSKSDPCVLTYMSESGEHIVAGTGELHLEICLQDLEHDHAGVPLKISPPV
VAYRETVESESSQTALSKSPNKHNRIYLKAEPIDEEVSLAIENGIINPRDDFKARARIMADDYGWDVTDARKIWCFGPDG
NGPNLVIDQTKAVQYLHEIKDSVVAAFQWATKEGPIFGEEMRSVRVNILDVTLHADAI(DDE)RGGGQIIPTMRRATYAG
FLLADPKIQEPVFLVEIQCPEQAVGGIYSVLNKKRGQVVSEEQRPGTPLFTVKAYLPVNESFGFTGELRQATGGQAFPQM
VFDHWSTLGSDPLDPTSKAGEIVLAARKRHGMKEEVPGWQEYYDKL
;
_entity_poly.pdbx_strand_id   T
#
loop_
_chem_comp.id
_chem_comp.type
_chem_comp.name
_chem_comp.formula
APR non-polymer ADENOSINE-5-DIPHOSPHORIBOSE 'C15 H23 N5 O14 P2'
GDP RNA linking GUANOSINE-5'-DIPHOSPHATE 'C10 H15 N5 O11 P2'
SO1 non-polymer '[1R-(1.ALPHA.,3A.BETA.,4.BETA.,4A.BETA.,7.BETA.,7A.ALPHA.,8A.BETA.)]8A-[(6-DEOXY-4-O-METHYL-BETA-D-ALTROPYRANOSYLOXY)METHYL]-4-FORMYL-4,4A,5,6,7,7A,8,8A-OCTAHYDRO-7-METHYL-3-(1-METHYLETHYL)-1,4-METHANO-S-INDACENE-3A(1H)-CARBOXYLIC ACID' 'C27 H42 O8'
#
# COMPACT_ATOMS: atom_id res chain seq x y z
N ALA A 3 -20.73 28.05 12.86
CA ALA A 3 -19.57 28.74 13.54
C ALA A 3 -19.60 28.63 15.08
N PHE A 4 -18.66 27.87 15.62
CA PHE A 4 -18.60 27.67 17.06
C PHE A 4 -17.33 28.19 17.70
N THR A 5 -17.38 28.38 19.01
CA THR A 5 -16.24 28.86 19.78
C THR A 5 -15.50 27.62 20.27
N VAL A 6 -14.26 27.81 20.70
CA VAL A 6 -13.46 26.69 21.21
C VAL A 6 -14.19 26.01 22.37
N ASP A 7 -14.91 26.79 23.17
CA ASP A 7 -15.65 26.25 24.30
C ASP A 7 -16.81 25.38 23.82
N GLN A 8 -17.50 25.85 22.79
CA GLN A 8 -18.61 25.10 22.24
C GLN A 8 -18.11 23.78 21.65
N MET A 9 -16.98 23.84 20.95
CA MET A 9 -16.39 22.65 20.36
C MET A 9 -16.03 21.67 21.46
N ARG A 10 -15.28 22.14 22.46
CA ARG A 10 -14.87 21.30 23.58
C ARG A 10 -16.06 20.68 24.31
N SER A 11 -17.15 21.41 24.38
CA SER A 11 -18.35 20.92 25.04
C SER A 11 -18.98 19.81 24.19
N LEU A 12 -18.93 20.01 22.88
CA LEU A 12 -19.48 19.05 21.92
C LEU A 12 -18.66 17.75 22.00
N MET A 13 -17.36 17.89 22.18
CA MET A 13 -16.45 16.76 22.27
C MET A 13 -16.55 15.94 23.56
N ASP A 14 -17.28 16.44 24.55
CA ASP A 14 -17.46 15.71 25.81
C ASP A 14 -18.48 14.59 25.64
N LYS A 15 -19.49 14.84 24.80
CA LYS A 15 -20.54 13.85 24.57
C LYS A 15 -20.19 12.94 23.41
N VAL A 16 -19.16 12.12 23.62
CA VAL A 16 -18.71 11.19 22.58
C VAL A 16 -19.80 10.22 22.14
N THR A 17 -20.90 10.18 22.85
CA THR A 17 -22.00 9.31 22.46
C THR A 17 -22.63 9.96 21.23
N ASN A 18 -22.43 11.27 21.10
CA ASN A 18 -23.00 12.05 20.01
C ASN A 18 -21.94 12.51 19.02
N VAL A 19 -20.90 11.69 18.87
CA VAL A 19 -19.84 11.98 17.94
C VAL A 19 -19.88 10.88 16.88
N ARG A 20 -19.44 11.21 15.67
CA ARG A 20 -19.40 10.25 14.58
C ARG A 20 -18.10 10.44 13.80
N ASN A 21 -17.24 9.44 13.86
CA ASN A 21 -15.98 9.50 13.15
C ASN A 21 -16.20 8.65 11.91
N MET A 22 -16.10 9.27 10.74
CA MET A 22 -16.33 8.56 9.49
C MET A 22 -15.61 9.17 8.30
N SER A 23 -15.75 8.53 7.14
CA SER A 23 -15.13 9.03 5.92
C SER A 23 -16.05 8.67 4.74
N VAL A 24 -15.68 9.12 3.56
CA VAL A 24 -16.45 8.84 2.35
C VAL A 24 -15.59 7.96 1.45
N ILE A 25 -16.16 6.82 1.05
CA ILE A 25 -15.48 5.86 0.20
C ILE A 25 -16.08 5.97 -1.20
N ALA A 26 -15.25 6.24 -2.19
CA ALA A 26 -15.75 6.37 -3.54
C ALA A 26 -14.68 6.19 -4.62
N HIS A 27 -15.10 5.59 -5.73
CA HIS A 27 -14.24 5.36 -6.89
C HIS A 27 -14.11 6.74 -7.54
N VAL A 28 -12.96 7.02 -8.17
CA VAL A 28 -12.74 8.31 -8.83
C VAL A 28 -13.91 8.71 -9.72
N ASP A 29 -14.25 10.00 -9.69
CA ASP A 29 -15.33 10.54 -10.50
C ASP A 29 -16.75 10.18 -10.08
N HIS A 30 -16.90 9.40 -9.02
CA HIS A 30 -18.24 9.04 -8.59
C HIS A 30 -18.91 10.15 -7.77
N GLY A 31 -18.21 11.27 -7.59
CA GLY A 31 -18.79 12.39 -6.87
C GLY A 31 -18.48 12.56 -5.40
N LYS A 32 -17.40 11.94 -4.94
CA LYS A 32 -17.01 12.05 -3.54
C LYS A 32 -16.81 13.50 -3.11
N SER A 33 -16.16 14.30 -3.96
CA SER A 33 -15.91 15.69 -3.65
C SER A 33 -17.14 16.57 -3.56
N THR A 34 -18.01 16.53 -4.57
CA THR A 34 -19.20 17.38 -4.56
C THR A 34 -20.16 16.99 -3.45
N LEU A 35 -20.11 15.73 -3.02
CA LEU A 35 -20.98 15.33 -1.92
C LEU A 35 -20.47 15.93 -0.61
N THR A 36 -19.16 15.93 -0.40
CA THR A 36 -18.62 16.48 0.84
C THR A 36 -18.78 18.00 0.82
N ASP A 37 -18.71 18.62 -0.35
CA ASP A 37 -18.90 20.07 -0.41
C ASP A 37 -20.33 20.33 0.07
N SER A 38 -21.25 19.49 -0.37
CA SER A 38 -22.65 19.60 0.04
C SER A 38 -22.77 19.49 1.56
N LEU A 39 -22.10 18.49 2.15
CA LEU A 39 -22.15 18.32 3.60
C LEU A 39 -21.55 19.54 4.30
N VAL A 40 -20.39 19.99 3.81
CA VAL A 40 -19.72 21.14 4.39
C VAL A 40 -20.57 22.42 4.30
N GLN A 41 -21.19 22.67 3.15
CA GLN A 41 -22.04 23.86 2.98
C GLN A 41 -23.28 23.82 3.87
N ARG A 42 -23.80 22.62 4.14
CA ARG A 42 -24.99 22.46 4.97
C ARG A 42 -24.72 22.40 6.46
N ALA A 43 -23.64 21.75 6.86
CA ALA A 43 -23.38 21.61 8.29
C ALA A 43 -21.94 21.85 8.73
N GLY A 44 -21.08 22.28 7.81
CA GLY A 44 -19.69 22.53 8.15
C GLY A 44 -19.55 23.42 9.37
N ILE A 45 -18.50 23.21 10.15
CA ILE A 45 -18.24 24.01 11.34
C ILE A 45 -17.00 24.85 11.13
N ILE A 46 -17.06 26.08 11.63
CA ILE A 46 -15.94 27.02 11.52
C ILE A 46 -15.78 27.76 12.84
N SER A 47 -14.53 28.09 13.19
CA SER A 47 -14.25 28.81 14.44
C SER A 47 -14.98 30.16 14.47
N ALA A 48 -15.50 30.54 15.62
CA ALA A 48 -16.21 31.81 15.76
C ALA A 48 -15.29 33.01 15.54
N GLY A 67 -1.92 32.42 11.40
CA GLY A 67 -1.65 32.45 9.97
C GLY A 67 -1.00 31.15 9.51
N ILE A 68 -1.16 30.12 10.33
CA ILE A 68 -0.61 28.81 10.00
C ILE A 68 -1.70 27.99 9.36
N THR A 69 -1.43 27.48 8.15
CA THR A 69 -2.39 26.66 7.44
C THR A 69 -1.84 25.27 7.29
N ILE A 70 -2.73 24.32 7.06
CA ILE A 70 -2.33 22.93 6.91
C ILE A 70 -3.06 22.34 5.73
N LYS A 71 -2.70 21.12 5.37
CA LYS A 71 -3.44 20.48 4.30
C LYS A 71 -4.71 19.93 4.95
N SER A 72 -5.86 20.24 4.37
CA SER A 72 -7.13 19.77 4.92
C SER A 72 -7.07 18.25 5.09
N THR A 73 -7.23 17.80 6.33
CA THR A 73 -7.16 16.38 6.66
C THR A 73 -8.48 15.85 7.21
N ALA A 74 -9.26 16.75 7.79
CA ALA A 74 -10.54 16.40 8.37
C ALA A 74 -11.44 17.62 8.50
N ILE A 75 -12.75 17.41 8.41
CA ILE A 75 -13.68 18.51 8.52
C ILE A 75 -14.71 18.15 9.58
N SER A 76 -15.15 19.16 10.33
CA SER A 76 -16.14 18.95 11.38
C SER A 76 -17.53 19.39 10.88
N LEU A 77 -18.54 18.58 11.17
CA LEU A 77 -19.92 18.87 10.79
C LEU A 77 -20.76 18.93 12.07
N TYR A 78 -21.85 19.70 12.02
CA TYR A 78 -22.74 19.81 13.17
C TYR A 78 -24.15 19.48 12.75
N SER A 79 -24.84 18.67 13.54
CA SER A 79 -26.20 18.30 13.21
C SER A 79 -27.11 18.12 14.42
N GLU A 80 -28.37 18.52 14.25
CA GLU A 80 -29.39 18.39 15.28
C GLU A 80 -30.53 17.56 14.72
N MET A 81 -31.01 16.60 15.50
CA MET A 81 -32.11 15.75 15.07
C MET A 81 -33.31 16.10 15.95
N SER A 82 -34.51 15.77 15.48
CA SER A 82 -35.72 16.05 16.25
C SER A 82 -35.79 15.04 17.39
N ASP A 83 -36.54 15.39 18.43
CA ASP A 83 -36.68 14.51 19.56
C ASP A 83 -37.14 13.11 19.17
N GLU A 84 -38.04 13.01 18.19
CA GLU A 84 -38.50 11.70 17.78
C GLU A 84 -37.38 10.93 17.08
N ASP A 85 -36.67 11.60 16.18
CA ASP A 85 -35.56 10.98 15.47
C ASP A 85 -34.56 10.35 16.44
N VAL A 86 -34.09 11.16 17.39
CA VAL A 86 -33.12 10.70 18.39
C VAL A 86 -33.57 9.43 19.13
N LYS A 87 -34.88 9.23 19.23
CA LYS A 87 -35.38 8.05 19.93
C LYS A 87 -35.14 6.81 19.10
N GLU A 88 -35.09 6.99 17.78
CA GLU A 88 -34.86 5.89 16.83
C GLU A 88 -33.42 5.39 16.80
N ILE A 89 -32.48 6.21 17.28
CA ILE A 89 -31.06 5.83 17.29
C ILE A 89 -30.86 4.63 18.22
N LYS A 90 -30.49 3.50 17.64
CA LYS A 90 -30.26 2.27 18.41
C LYS A 90 -28.93 2.27 19.15
N GLN A 91 -28.56 3.39 19.75
CA GLN A 91 -27.32 3.45 20.51
C GLN A 91 -27.33 4.63 21.48
N LYS A 92 -26.56 4.50 22.56
CA LYS A 92 -26.44 5.53 23.61
C LYS A 92 -26.40 6.96 23.07
N THR A 93 -27.40 7.75 23.42
CA THR A 93 -27.47 9.14 22.96
C THR A 93 -27.64 10.16 24.10
N ASP A 94 -27.00 11.32 23.97
CA ASP A 94 -27.08 12.36 24.99
C ASP A 94 -27.46 13.72 24.38
N GLY A 95 -28.76 13.94 24.19
CA GLY A 95 -29.19 15.19 23.61
C GLY A 95 -29.44 15.07 22.11
N ASN A 96 -29.74 16.19 21.47
CA ASN A 96 -30.02 16.20 20.04
C ASN A 96 -28.94 16.78 19.14
N SER A 97 -27.78 17.10 19.71
CA SER A 97 -26.67 17.65 18.94
C SER A 97 -25.66 16.57 18.59
N PHE A 98 -25.09 16.66 17.38
CA PHE A 98 -24.12 15.66 16.97
C PHE A 98 -22.93 16.33 16.29
N LEU A 99 -21.75 15.80 16.58
CA LEU A 99 -20.52 16.32 15.99
C LEU A 99 -20.01 15.23 15.07
N ILE A 100 -19.84 15.59 13.81
CA ILE A 100 -19.39 14.63 12.81
C ILE A 100 -18.03 14.97 12.23
N ASN A 101 -17.09 14.05 12.40
CA ASN A 101 -15.76 14.22 11.87
C ASN A 101 -15.68 13.50 10.52
N LEU A 102 -15.60 14.27 9.44
CA LEU A 102 -15.50 13.71 8.08
C LEU A 102 -13.99 13.65 7.84
N ILE A 103 -13.43 12.45 7.95
CA ILE A 103 -12.00 12.28 7.78
C ILE A 103 -11.57 11.99 6.36
N ASP A 104 -10.59 12.74 5.89
CA ASP A 104 -10.06 12.59 4.55
C ASP A 104 -9.32 11.28 4.40
N SER A 105 -9.48 10.64 3.24
CA SER A 105 -8.82 9.38 2.94
C SER A 105 -8.12 9.52 1.61
N PRO A 106 -6.93 8.93 1.48
CA PRO A 106 -6.17 9.01 0.23
C PRO A 106 -6.98 8.51 -0.98
N GLY A 107 -6.48 8.82 -2.17
CA GLY A 107 -7.16 8.42 -3.38
C GLY A 107 -6.52 7.23 -4.07
N HIS A 108 -5.39 6.79 -3.53
CA HIS A 108 -4.70 5.64 -4.10
C HIS A 108 -5.36 4.39 -3.53
N VAL A 109 -5.89 3.55 -4.40
CA VAL A 109 -6.56 2.36 -3.93
C VAL A 109 -5.97 1.08 -4.51
N ASP A 110 -4.85 0.74 -3.90
CA ASP A 110 -4.01 -0.41 -4.23
C ASP A 110 -3.87 -1.25 -2.96
N PHE A 111 -4.84 -1.12 -2.05
CA PHE A 111 -4.78 -1.83 -0.77
C PHE A 111 -3.56 -1.31 -0.03
N SER A 112 -3.28 -0.02 -0.20
CA SER A 112 -2.15 0.64 0.44
C SER A 112 -2.34 0.80 1.94
N SER A 113 -1.23 0.94 2.65
CA SER A 113 -1.27 1.10 4.09
C SER A 113 -1.58 2.54 4.50
N GLU A 114 -1.54 3.47 3.54
CA GLU A 114 -1.85 4.85 3.87
C GLU A 114 -3.37 4.95 4.04
N VAL A 115 -4.08 4.17 3.24
CA VAL A 115 -5.53 4.14 3.30
C VAL A 115 -5.97 3.46 4.60
N THR A 116 -5.39 2.30 4.90
CA THR A 116 -5.71 1.57 6.12
C THR A 116 -5.53 2.44 7.35
N ALA A 117 -4.51 3.29 7.35
CA ALA A 117 -4.25 4.17 8.49
C ALA A 117 -5.40 5.16 8.67
N ALA A 118 -5.84 5.75 7.56
CA ALA A 118 -6.92 6.73 7.58
C ALA A 118 -8.23 6.11 8.05
N LEU A 119 -8.53 4.91 7.59
CA LEU A 119 -9.76 4.23 7.96
C LEU A 119 -9.73 3.84 9.43
N ARG A 120 -8.54 3.47 9.91
CA ARG A 120 -8.36 3.05 11.28
C ARG A 120 -8.88 4.04 12.32
N VAL A 121 -8.84 5.33 12.00
CA VAL A 121 -9.33 6.34 12.93
C VAL A 121 -10.81 6.67 12.75
N THR A 122 -11.49 5.93 11.88
CA THR A 122 -12.92 6.14 11.65
C THR A 122 -13.68 4.90 12.15
N ASP A 123 -14.99 5.06 12.34
CA ASP A 123 -15.83 3.97 12.80
C ASP A 123 -16.95 3.65 11.81
N GLY A 124 -17.29 4.60 10.94
CA GLY A 124 -18.32 4.34 9.98
C GLY A 124 -17.92 4.92 8.64
N ALA A 125 -18.58 4.51 7.56
CA ALA A 125 -18.24 5.02 6.24
C ALA A 125 -19.45 5.24 5.35
N LEU A 126 -19.39 6.32 4.58
CA LEU A 126 -20.43 6.66 3.63
C LEU A 126 -19.89 6.22 2.29
N VAL A 127 -20.41 5.11 1.77
CA VAL A 127 -19.96 4.58 0.50
C VAL A 127 -20.74 5.13 -0.69
N VAL A 128 -20.04 5.79 -1.61
CA VAL A 128 -20.69 6.36 -2.78
C VAL A 128 -20.62 5.39 -3.96
N VAL A 129 -21.77 5.11 -4.56
CA VAL A 129 -21.83 4.21 -5.70
C VAL A 129 -22.55 4.93 -6.81
N ASP A 130 -22.07 4.75 -8.04
CA ASP A 130 -22.68 5.40 -9.19
C ASP A 130 -23.92 4.67 -9.67
N THR A 131 -24.97 5.44 -10.00
CA THR A 131 -26.22 4.88 -10.50
C THR A 131 -25.93 3.98 -11.69
N ILE A 132 -25.20 4.50 -12.68
CA ILE A 132 -24.89 3.75 -13.87
C ILE A 132 -23.77 2.71 -13.75
N GLU A 133 -22.56 3.16 -13.45
CA GLU A 133 -21.43 2.24 -13.34
C GLU A 133 -21.53 1.22 -12.23
N GLY A 134 -22.33 1.52 -11.21
CA GLY A 134 -22.48 0.60 -10.10
C GLY A 134 -21.21 0.50 -9.27
N VAL A 135 -21.01 -0.63 -8.61
CA VAL A 135 -19.84 -0.84 -7.78
C VAL A 135 -18.65 -1.28 -8.62
N CYS A 136 -17.57 -0.49 -8.59
CA CYS A 136 -16.38 -0.80 -9.35
C CYS A 136 -15.27 -1.28 -8.41
N VAL A 137 -14.26 -1.94 -8.98
CA VAL A 137 -13.15 -2.48 -8.19
C VAL A 137 -12.56 -1.53 -7.14
N GLN A 138 -12.40 -0.26 -7.50
CA GLN A 138 -11.86 0.73 -6.58
C GLN A 138 -12.74 0.82 -5.34
N THR A 139 -14.05 0.80 -5.58
CA THR A 139 -15.06 0.87 -4.53
C THR A 139 -14.96 -0.36 -3.62
N GLU A 140 -14.87 -1.51 -4.25
CA GLU A 140 -14.76 -2.77 -3.53
C GLU A 140 -13.48 -2.83 -2.71
N THR A 141 -12.42 -2.25 -3.26
CA THR A 141 -11.13 -2.25 -2.59
C THR A 141 -11.10 -1.46 -1.28
N VAL A 142 -11.68 -0.26 -1.27
CA VAL A 142 -11.66 0.54 -0.05
C VAL A 142 -12.66 -0.02 0.94
N LEU A 143 -13.82 -0.44 0.42
CA LEU A 143 -14.85 -1.01 1.27
C LEU A 143 -14.30 -2.25 1.97
N ARG A 144 -13.61 -3.09 1.22
CA ARG A 144 -13.01 -4.31 1.75
C ARG A 144 -12.02 -3.95 2.87
N GLN A 145 -11.18 -2.96 2.62
CA GLN A 145 -10.22 -2.52 3.64
C GLN A 145 -10.99 -1.98 4.84
N ALA A 146 -12.04 -1.23 4.58
CA ALA A 146 -12.85 -0.65 5.65
C ALA A 146 -13.43 -1.76 6.53
N LEU A 147 -14.05 -2.74 5.91
CA LEU A 147 -14.64 -3.86 6.65
C LEU A 147 -13.57 -4.55 7.50
N GLY A 148 -12.34 -4.56 7.00
CA GLY A 148 -11.26 -5.16 7.74
C GLY A 148 -10.94 -4.39 9.01
N GLU A 149 -11.40 -3.14 9.09
CA GLU A 149 -11.17 -2.30 10.26
C GLU A 149 -12.46 -2.25 11.07
N ARG A 150 -13.36 -3.19 10.78
CA ARG A 150 -14.66 -3.26 11.45
C ARG A 150 -15.42 -1.94 11.40
N ILE A 151 -15.42 -1.34 10.23
CA ILE A 151 -16.12 -0.09 9.99
C ILE A 151 -17.50 -0.43 9.46
N LYS A 152 -18.51 0.30 9.90
CA LYS A 152 -19.86 0.05 9.43
C LYS A 152 -20.15 0.93 8.21
N PRO A 153 -20.69 0.33 7.13
CA PRO A 153 -21.01 1.04 5.90
C PRO A 153 -22.47 1.48 5.76
N VAL A 154 -22.64 2.53 4.97
CA VAL A 154 -23.92 3.13 4.65
C VAL A 154 -23.67 3.59 3.20
N VAL A 155 -24.67 3.41 2.35
CA VAL A 155 -24.54 3.71 0.93
C VAL A 155 -25.33 4.89 0.39
N VAL A 156 -24.80 5.50 -0.66
CA VAL A 156 -25.48 6.58 -1.37
C VAL A 156 -25.32 6.25 -2.85
N ILE A 157 -26.42 5.98 -3.54
CA ILE A 157 -26.35 5.72 -4.96
C ILE A 157 -26.46 7.10 -5.58
N ASN A 158 -25.33 7.59 -6.09
CA ASN A 158 -25.16 8.94 -6.64
C ASN A 158 -25.39 9.09 -8.16
N LYS A 159 -25.37 10.32 -8.65
CA LYS A 159 -25.55 10.59 -10.08
C LYS A 159 -26.89 10.11 -10.63
N VAL A 160 -27.92 10.07 -9.80
CA VAL A 160 -29.22 9.61 -10.24
C VAL A 160 -29.77 10.47 -11.38
N ASP A 161 -29.42 11.75 -11.38
CA ASP A 161 -29.88 12.69 -12.40
C ASP A 161 -29.53 12.24 -13.81
N ARG A 162 -28.42 11.53 -13.95
CA ARG A 162 -27.98 11.04 -15.26
C ARG A 162 -28.99 10.07 -15.86
N ALA A 163 -29.53 9.20 -15.02
CA ALA A 163 -30.50 8.21 -15.48
C ALA A 163 -31.81 8.82 -15.91
N LEU A 164 -32.17 9.96 -15.30
CA LEU A 164 -33.42 10.63 -15.65
C LEU A 164 -33.27 11.57 -16.84
N LEU A 165 -32.19 12.35 -16.87
CA LEU A 165 -31.95 13.29 -17.95
C LEU A 165 -31.32 12.73 -19.22
N GLU A 166 -30.20 12.02 -19.08
CA GLU A 166 -29.51 11.45 -20.22
C GLU A 166 -30.15 10.16 -20.76
N LEU A 167 -30.15 9.10 -19.95
CA LEU A 167 -30.70 7.80 -20.35
C LEU A 167 -32.22 7.62 -20.44
N GLN A 168 -32.99 8.58 -19.97
CA GLN A 168 -34.46 8.47 -20.04
C GLN A 168 -34.99 7.17 -19.42
N VAL A 169 -34.20 6.52 -18.59
CA VAL A 169 -34.58 5.26 -17.96
C VAL A 169 -35.99 5.28 -17.37
N SER A 170 -36.63 4.12 -17.28
CA SER A 170 -37.97 4.04 -16.71
C SER A 170 -37.89 3.73 -15.21
N LYS A 171 -38.98 3.99 -14.51
CA LYS A 171 -39.04 3.75 -13.06
C LYS A 171 -38.64 2.35 -12.64
N GLU A 172 -39.23 1.33 -13.24
CA GLU A 172 -38.89 -0.04 -12.89
C GLU A 172 -37.44 -0.37 -13.24
N ASP A 173 -36.90 0.28 -14.29
CA ASP A 173 -35.51 0.01 -14.66
C ASP A 173 -34.59 0.67 -13.65
N LEU A 174 -34.96 1.88 -13.25
CA LEU A 174 -34.16 2.58 -12.26
C LEU A 174 -34.20 1.77 -10.97
N TYR A 175 -35.40 1.31 -10.60
CA TYR A 175 -35.53 0.49 -9.40
C TYR A 175 -34.57 -0.68 -9.46
N GLN A 176 -34.72 -1.49 -10.50
CA GLN A 176 -33.88 -2.67 -10.70
C GLN A 176 -32.39 -2.34 -10.61
N THR A 177 -31.99 -1.22 -11.19
CA THR A 177 -30.59 -0.82 -11.14
C THR A 177 -30.19 -0.60 -9.68
N PHE A 178 -31.03 0.11 -8.94
CA PHE A 178 -30.77 0.38 -7.52
C PHE A 178 -30.63 -0.93 -6.74
N ALA A 179 -31.57 -1.85 -6.96
CA ALA A 179 -31.58 -3.13 -6.28
C ALA A 179 -30.34 -3.97 -6.59
N ARG A 180 -29.85 -3.90 -7.82
CA ARG A 180 -28.66 -4.66 -8.20
C ARG A 180 -27.41 -4.06 -7.57
N THR A 181 -27.37 -2.74 -7.48
CA THR A 181 -26.23 -2.09 -6.89
C THR A 181 -26.16 -2.42 -5.41
N VAL A 182 -27.34 -2.47 -4.78
CA VAL A 182 -27.43 -2.78 -3.35
C VAL A 182 -27.02 -4.22 -3.09
N GLU A 183 -27.30 -5.11 -4.05
CA GLU A 183 -26.95 -6.50 -3.91
C GLU A 183 -25.44 -6.68 -4.08
N SER A 184 -24.87 -5.99 -5.07
CA SER A 184 -23.44 -6.08 -5.32
C SER A 184 -22.68 -5.68 -4.06
N VAL A 185 -23.18 -4.65 -3.39
CA VAL A 185 -22.58 -4.14 -2.18
C VAL A 185 -22.68 -5.12 -1.01
N ASN A 186 -23.85 -5.71 -0.82
CA ASN A 186 -24.02 -6.64 0.29
C ASN A 186 -23.32 -7.97 0.08
N VAL A 187 -22.73 -8.16 -1.10
CA VAL A 187 -21.97 -9.37 -1.42
C VAL A 187 -20.59 -9.13 -0.83
N ILE A 188 -20.08 -7.92 -1.03
CA ILE A 188 -18.78 -7.56 -0.52
C ILE A 188 -18.84 -7.54 1.00
N VAL A 189 -19.93 -6.99 1.53
CA VAL A 189 -20.09 -6.90 2.96
C VAL A 189 -20.22 -8.28 3.57
N SER A 190 -21.16 -9.09 3.08
CA SER A 190 -21.32 -10.42 3.67
C SER A 190 -20.06 -11.28 3.57
N THR A 191 -19.20 -10.98 2.60
CA THR A 191 -17.95 -11.74 2.42
C THR A 191 -16.83 -11.37 3.40
N TYR A 192 -16.62 -10.07 3.61
CA TYR A 192 -15.53 -9.59 4.46
C TYR A 192 -15.84 -9.09 5.88
N ALA A 193 -17.10 -8.89 6.21
CA ALA A 193 -17.47 -8.40 7.52
C ALA A 193 -17.35 -9.48 8.60
N ASP A 194 -16.78 -9.11 9.75
CA ASP A 194 -16.64 -10.05 10.87
C ASP A 194 -17.99 -10.49 11.38
N GLU A 195 -18.20 -11.80 11.41
CA GLU A 195 -19.46 -12.40 11.86
C GLU A 195 -19.87 -11.93 13.25
N VAL A 196 -18.91 -11.50 14.05
CA VAL A 196 -19.19 -11.04 15.40
C VAL A 196 -19.99 -9.74 15.42
N LEU A 197 -19.92 -8.96 14.35
CA LEU A 197 -20.65 -7.69 14.26
C LEU A 197 -22.12 -7.90 13.93
N GLY A 198 -22.45 -9.11 13.51
CA GLY A 198 -23.82 -9.41 13.14
C GLY A 198 -24.05 -9.13 11.66
N ASP A 199 -25.25 -8.64 11.33
CA ASP A 199 -25.58 -8.32 9.94
C ASP A 199 -25.23 -6.86 9.67
N VAL A 200 -24.13 -6.63 8.99
CA VAL A 200 -23.70 -5.29 8.68
C VAL A 200 -24.11 -4.89 7.25
N GLN A 201 -24.96 -5.70 6.63
CA GLN A 201 -25.43 -5.41 5.29
C GLN A 201 -26.27 -4.14 5.28
N VAL A 202 -26.53 -3.64 4.09
CA VAL A 202 -27.30 -2.42 3.93
C VAL A 202 -28.70 -2.69 3.34
N TYR A 203 -29.72 -2.05 3.91
CA TYR A 203 -31.12 -2.23 3.50
C TYR A 203 -31.85 -0.90 3.28
N PRO A 204 -32.31 -0.63 2.06
CA PRO A 204 -33.03 0.62 1.79
C PRO A 204 -34.21 0.84 2.76
N ALA A 205 -34.96 -0.21 3.05
CA ALA A 205 -36.09 -0.12 3.96
C ALA A 205 -35.71 0.29 5.38
N ARG A 206 -34.49 -0.07 5.80
CA ARG A 206 -34.04 0.30 7.13
C ARG A 206 -33.37 1.67 7.17
N GLY A 207 -33.38 2.37 6.03
CA GLY A 207 -32.79 3.70 5.97
C GLY A 207 -31.27 3.79 5.84
N THR A 208 -30.62 2.71 5.44
CA THR A 208 -29.17 2.75 5.29
C THR A 208 -28.73 2.91 3.84
N VAL A 209 -29.66 3.36 3.00
CA VAL A 209 -29.32 3.61 1.61
C VAL A 209 -29.99 4.90 1.17
N ALA A 210 -29.20 5.80 0.62
CA ALA A 210 -29.72 7.06 0.11
C ALA A 210 -29.60 7.04 -1.43
N PHE A 211 -30.42 7.84 -2.09
CA PHE A 211 -30.42 7.91 -3.55
C PHE A 211 -30.43 9.38 -3.92
N GLY A 212 -29.65 9.79 -4.90
CA GLY A 212 -29.69 11.20 -5.25
C GLY A 212 -28.70 11.70 -6.27
N SER A 213 -28.47 13.01 -6.24
CA SER A 213 -27.55 13.68 -7.14
C SER A 213 -26.74 14.72 -6.37
N GLY A 214 -25.47 14.41 -6.13
CA GLY A 214 -24.62 15.33 -5.40
C GLY A 214 -24.40 16.64 -6.12
N LEU A 215 -24.47 16.62 -7.45
CA LEU A 215 -24.27 17.82 -8.26
C LEU A 215 -25.48 18.75 -8.20
N HIS A 216 -26.68 18.19 -8.27
CA HIS A 216 -27.90 18.99 -8.23
C HIS A 216 -28.31 19.32 -6.80
N GLY A 217 -29.40 20.01 -3.84
CA GLY A 217 -29.81 20.32 -2.48
C GLY A 217 -31.08 19.70 -1.95
N TRP A 218 -31.47 18.53 -2.47
CA TRP A 218 -32.67 17.87 -1.97
C TRP A 218 -32.43 16.39 -1.73
N ALA A 219 -33.12 15.85 -0.72
CA ALA A 219 -33.02 14.45 -0.36
C ALA A 219 -34.17 14.12 0.58
N PHE A 220 -34.47 12.85 0.76
CA PHE A 220 -35.54 12.44 1.64
C PHE A 220 -35.36 11.03 2.23
N THR A 221 -36.17 10.73 3.25
CA THR A 221 -36.19 9.43 3.90
C THR A 221 -37.66 9.03 3.78
N ILE A 222 -37.96 7.73 3.91
CA ILE A 222 -39.34 7.29 3.83
C ILE A 222 -40.05 7.93 5.02
N ARG A 223 -39.35 8.00 6.14
CA ARG A 223 -39.90 8.58 7.35
C ARG A 223 -40.51 9.97 7.15
N GLN A 224 -39.80 10.85 6.47
CA GLN A 224 -40.31 12.19 6.23
C GLN A 224 -41.62 12.14 5.45
N PHE A 225 -41.70 11.24 4.47
CA PHE A 225 -42.93 11.11 3.68
C PHE A 225 -44.05 10.49 4.49
N ALA A 226 -43.69 9.59 5.40
CA ALA A 226 -44.66 8.92 6.26
C ALA A 226 -45.29 9.95 7.17
N THR A 227 -44.46 10.85 7.67
CA THR A 227 -44.92 11.91 8.55
C THR A 227 -45.89 12.78 7.75
N ARG A 228 -45.51 13.08 6.51
CA ARG A 228 -46.30 13.90 5.60
C ARG A 228 -47.67 13.28 5.22
N TYR A 229 -47.71 11.96 5.01
CA TYR A 229 -48.95 11.29 4.62
C TYR A 229 -49.71 10.60 5.75
N ALA A 230 -49.08 10.45 6.91
CA ALA A 230 -49.74 9.78 8.02
C ALA A 230 -51.02 10.51 8.43
N LYS A 231 -50.86 11.75 8.90
CA LYS A 231 -52.00 12.54 9.33
C LYS A 231 -52.94 12.85 8.16
N LYS A 232 -52.67 12.28 6.99
CA LYS A 232 -53.50 12.50 5.80
C LYS A 232 -54.25 11.25 5.37
N PHE A 233 -53.65 10.10 5.64
CA PHE A 233 -54.25 8.82 5.30
C PHE A 233 -54.99 8.26 6.50
N GLY A 234 -54.97 9.00 7.60
CA GLY A 234 -55.63 8.54 8.80
C GLY A 234 -54.94 7.33 9.38
N VAL A 235 -53.63 7.26 9.23
CA VAL A 235 -52.84 6.13 9.75
C VAL A 235 -51.57 6.63 10.44
N ASP A 236 -51.10 5.93 11.48
CA ASP A 236 -49.86 6.36 12.16
C ASP A 236 -48.68 6.13 11.24
N LYS A 237 -47.66 6.98 11.32
CA LYS A 237 -46.51 6.82 10.43
C LYS A 237 -45.74 5.52 10.53
N ALA A 238 -45.82 4.84 11.66
CA ALA A 238 -45.13 3.58 11.78
C ALA A 238 -45.69 2.66 10.72
N LYS A 239 -47.01 2.72 10.54
CA LYS A 239 -47.69 1.90 9.56
C LYS A 239 -47.40 2.44 8.16
N MET A 240 -47.39 3.76 8.03
CA MET A 240 -47.14 4.40 6.75
C MET A 240 -45.76 4.17 6.15
N MET A 241 -44.71 4.26 6.97
CA MET A 241 -43.39 4.05 6.40
C MET A 241 -43.13 2.60 6.01
N ASP A 242 -43.88 1.66 6.58
CA ASP A 242 -43.69 0.28 6.18
C ASP A 242 -44.36 0.12 4.82
N ARG A 243 -45.46 0.86 4.63
CA ARG A 243 -46.22 0.81 3.39
C ARG A 243 -45.62 1.63 2.25
N LEU A 244 -44.71 2.54 2.57
CA LEU A 244 -44.11 3.39 1.56
C LEU A 244 -42.84 2.83 0.93
N TRP A 245 -42.53 1.59 1.24
CA TRP A 245 -41.34 0.95 0.67
C TRP A 245 -41.60 -0.52 0.41
N GLY A 246 -40.90 -1.09 -0.57
CA GLY A 246 -41.07 -2.51 -0.87
C GLY A 246 -42.39 -2.89 -1.52
N ASP A 247 -42.84 -4.13 -1.28
CA ASP A 247 -44.08 -4.63 -1.87
C ASP A 247 -45.39 -4.28 -1.17
N SER A 248 -45.73 -3.00 -1.18
CA SER A 248 -46.96 -2.49 -0.60
C SER A 248 -47.63 -1.76 -1.73
N PHE A 249 -48.88 -2.10 -1.96
CA PHE A 249 -49.64 -1.49 -3.04
C PHE A 249 -50.94 -0.96 -2.49
N PHE A 250 -51.35 0.19 -3.02
CA PHE A 250 -52.61 0.78 -2.62
C PHE A 250 -53.44 0.79 -3.90
N ASN A 251 -54.50 -0.01 -3.91
CA ASN A 251 -55.37 -0.06 -5.07
C ASN A 251 -56.38 1.06 -4.94
N PRO A 252 -56.29 2.08 -5.79
CA PRO A 252 -57.26 3.18 -5.68
C PRO A 252 -58.70 2.69 -5.85
N LYS A 253 -58.88 1.63 -6.65
CA LYS A 253 -60.20 1.05 -6.89
C LYS A 253 -60.85 0.43 -5.67
N THR A 254 -60.06 -0.26 -4.85
CA THR A 254 -60.57 -0.90 -3.65
C THR A 254 -60.35 -0.04 -2.41
N LYS A 255 -59.43 0.92 -2.54
CA LYS A 255 -59.06 1.83 -1.46
C LYS A 255 -58.35 1.04 -0.37
N LYS A 256 -57.81 -0.12 -0.73
CA LYS A 256 -57.11 -0.96 0.23
C LYS A 256 -55.63 -1.19 -0.06
N TRP A 257 -54.89 -1.46 1.00
CA TRP A 257 -53.45 -1.74 0.93
C TRP A 257 -53.21 -3.24 0.93
N THR A 258 -52.44 -3.72 -0.05
CA THR A 258 -52.16 -5.14 -0.17
C THR A 258 -50.68 -5.37 -0.47
N ASN A 259 -50.27 -6.65 -0.46
CA ASN A 259 -48.88 -6.99 -0.75
C ASN A 259 -48.76 -7.71 -2.09
N LYS A 260 -49.85 -7.75 -2.84
CA LYS A 260 -49.89 -8.38 -4.16
C LYS A 260 -49.77 -7.31 -5.25
N ASP A 261 -48.85 -7.49 -6.19
CA ASP A 261 -48.71 -6.49 -7.26
C ASP A 261 -49.78 -6.53 -8.35
N THR A 262 -50.88 -7.25 -8.11
CA THR A 262 -51.97 -7.31 -9.06
C THR A 262 -53.29 -7.37 -8.30
N ASP A 263 -54.38 -6.98 -8.95
CA ASP A 263 -55.68 -7.05 -8.29
C ASP A 263 -56.37 -8.38 -8.59
N ALA A 264 -57.59 -8.54 -8.11
CA ALA A 264 -58.34 -9.78 -8.33
C ALA A 264 -58.36 -10.16 -9.81
N GLU A 265 -58.63 -9.19 -10.67
CA GLU A 265 -58.67 -9.44 -12.11
C GLU A 265 -57.29 -9.75 -12.68
N GLY A 266 -56.25 -9.52 -11.86
CA GLY A 266 -54.89 -9.79 -12.29
C GLY A 266 -54.18 -8.62 -12.94
N LYS A 267 -54.81 -7.45 -12.94
CA LYS A 267 -54.22 -6.26 -13.52
C LYS A 267 -53.09 -5.75 -12.63
N PRO A 268 -52.05 -5.16 -13.24
CA PRO A 268 -50.85 -4.59 -12.59
C PRO A 268 -51.05 -3.41 -11.65
N LEU A 269 -50.60 -3.56 -10.42
CA LEU A 269 -50.71 -2.50 -9.42
C LEU A 269 -49.38 -1.80 -9.20
N GLU A 270 -49.42 -0.46 -9.17
CA GLU A 270 -48.21 0.31 -8.94
C GLU A 270 -47.86 0.36 -7.46
N ARG A 271 -46.60 0.03 -7.18
CA ARG A 271 -45.99 0.02 -5.87
C ARG A 271 -46.18 1.36 -5.13
N ALA A 272 -46.55 1.31 -3.85
CA ALA A 272 -46.77 2.52 -3.03
C ALA A 272 -45.61 3.52 -3.07
N PHE A 273 -44.38 3.02 -3.10
CA PHE A 273 -43.20 3.90 -3.15
C PHE A 273 -43.24 4.75 -4.43
N ASN A 274 -43.57 4.10 -5.56
CA ASN A 274 -43.65 4.75 -6.87
C ASN A 274 -44.80 5.72 -6.96
N MET A 275 -45.94 5.28 -6.44
CA MET A 275 -47.16 6.07 -6.50
C MET A 275 -47.23 7.30 -5.61
N PHE A 276 -46.67 7.22 -4.41
CA PHE A 276 -46.77 8.33 -3.47
C PHE A 276 -45.52 9.17 -3.24
N ILE A 277 -44.34 8.62 -3.54
CA ILE A 277 -43.10 9.37 -3.35
C ILE A 277 -42.45 9.76 -4.66
N LEU A 278 -42.31 8.81 -5.59
CA LEU A 278 -41.67 9.13 -6.86
C LEU A 278 -42.53 9.96 -7.83
N ASP A 279 -43.79 9.58 -7.98
CA ASP A 279 -44.69 10.27 -8.91
C ASP A 279 -44.75 11.79 -8.67
N PRO A 280 -44.95 12.22 -7.41
CA PRO A 280 -44.99 13.67 -7.17
C PRO A 280 -43.69 14.34 -7.64
N ILE A 281 -42.57 13.67 -7.39
CA ILE A 281 -41.27 14.21 -7.76
C ILE A 281 -41.14 14.20 -9.29
N PHE A 282 -41.52 13.08 -9.90
CA PHE A 282 -41.49 12.95 -11.36
C PHE A 282 -42.35 14.02 -12.03
N ARG A 283 -43.54 14.23 -11.51
CA ARG A 283 -44.43 15.24 -12.07
C ARG A 283 -43.87 16.65 -11.94
N LEU A 284 -43.17 16.94 -10.85
CA LEU A 284 -42.57 18.25 -10.66
C LEU A 284 -41.50 18.47 -11.71
N PHE A 285 -40.64 17.47 -11.89
CA PHE A 285 -39.57 17.57 -12.88
C PHE A 285 -40.15 17.78 -14.28
N THR A 286 -41.03 16.86 -14.68
CA THR A 286 -41.64 16.93 -16.00
C THR A 286 -42.37 18.24 -16.31
N ALA A 287 -43.09 18.78 -15.32
CA ALA A 287 -43.84 20.01 -15.53
C ALA A 287 -42.95 21.24 -15.62
N ILE A 288 -41.99 21.33 -14.71
CA ILE A 288 -41.07 22.46 -14.66
C ILE A 288 -40.08 22.48 -15.83
N MET A 289 -39.53 21.33 -16.16
CA MET A 289 -38.56 21.26 -17.25
C MET A 289 -39.19 21.39 -18.64
N ASN A 290 -40.50 21.18 -18.74
CA ASN A 290 -41.18 21.32 -20.02
C ASN A 290 -41.98 22.60 -20.09
N PHE A 291 -41.75 23.49 -19.13
CA PHE A 291 -42.39 24.80 -19.07
C PHE A 291 -43.91 24.83 -19.11
N LYS A 292 -44.55 23.81 -18.54
CA LYS A 292 -46.00 23.74 -18.49
C LYS A 292 -46.51 24.74 -17.45
N LYS A 293 -46.39 26.02 -17.78
CA LYS A 293 -46.78 27.13 -16.90
C LYS A 293 -48.21 27.15 -16.33
N ASP A 294 -49.08 26.27 -16.80
CA ASP A 294 -50.44 26.24 -16.27
C ASP A 294 -50.62 25.02 -15.38
N GLU A 295 -49.62 24.14 -15.39
CA GLU A 295 -49.64 22.92 -14.60
C GLU A 295 -48.75 23.02 -13.36
N ILE A 296 -47.79 23.94 -13.39
CA ILE A 296 -46.86 24.11 -12.29
C ILE A 296 -47.46 24.73 -11.01
N PRO A 297 -48.24 25.82 -11.16
CA PRO A 297 -48.86 26.47 -10.00
C PRO A 297 -49.75 25.53 -9.19
N VAL A 298 -50.52 24.70 -9.88
CA VAL A 298 -51.41 23.75 -9.24
C VAL A 298 -50.63 22.70 -8.48
N LEU A 299 -49.68 22.08 -9.18
CA LEU A 299 -48.84 21.06 -8.59
C LEU A 299 -48.15 21.59 -7.32
N LEU A 300 -47.60 22.80 -7.40
CA LEU A 300 -46.93 23.43 -6.26
C LEU A 300 -47.90 23.70 -5.14
N GLU A 301 -49.10 24.11 -5.49
CA GLU A 301 -50.11 24.41 -4.49
C GLU A 301 -50.50 23.12 -3.76
N LYS A 302 -50.71 22.04 -4.52
CA LYS A 302 -51.08 20.75 -3.94
C LYS A 302 -50.03 20.22 -2.97
N LEU A 303 -48.76 20.46 -3.29
CA LEU A 303 -47.65 20.01 -2.46
C LEU A 303 -47.32 21.04 -1.40
N GLU A 304 -48.11 22.10 -1.35
CA GLU A 304 -47.93 23.21 -0.41
C GLU A 304 -46.53 23.82 -0.51
N ILE A 305 -46.10 24.15 -1.73
CA ILE A 305 -44.80 24.78 -1.95
C ILE A 305 -45.07 26.24 -2.29
N VAL A 306 -44.35 27.16 -1.64
CA VAL A 306 -44.57 28.58 -1.89
C VAL A 306 -43.37 29.36 -2.43
N LEU A 307 -43.55 29.92 -3.62
CA LEU A 307 -42.51 30.72 -4.26
C LEU A 307 -42.72 32.16 -3.78
N LYS A 308 -41.64 32.81 -3.37
CA LYS A 308 -41.75 34.18 -2.89
C LYS A 308 -40.82 35.14 -3.62
N GLY A 309 -41.34 36.30 -3.96
CA GLY A 309 -40.54 37.29 -4.65
C GLY A 309 -40.05 36.88 -6.02
N ASP A 310 -38.77 37.17 -6.29
CA ASP A 310 -38.15 36.85 -7.55
C ASP A 310 -38.26 35.39 -7.97
N GLU A 311 -38.54 34.51 -7.01
CA GLU A 311 -38.65 33.09 -7.34
C GLU A 311 -39.81 32.84 -8.29
N LYS A 312 -40.92 33.55 -8.10
CA LYS A 312 -42.09 33.38 -8.95
C LYS A 312 -41.77 33.52 -10.45
N ASP A 313 -40.65 34.15 -10.78
CA ASP A 313 -40.26 34.35 -12.17
C ASP A 313 -39.37 33.27 -12.78
N LEU A 314 -38.69 32.50 -11.93
CA LEU A 314 -37.80 31.44 -12.39
C LEU A 314 -38.51 30.40 -13.28
N GLU A 315 -37.75 29.72 -14.14
CA GLU A 315 -38.27 28.67 -15.01
C GLU A 315 -37.18 27.62 -15.17
N GLY A 316 -37.49 26.51 -15.81
CA GLY A 316 -36.50 25.46 -16.02
C GLY A 316 -35.77 24.99 -14.78
N LYS A 317 -34.52 24.56 -14.96
CA LYS A 317 -33.69 24.06 -13.86
C LYS A 317 -33.63 25.02 -12.67
N ALA A 318 -33.50 26.31 -12.95
CA ALA A 318 -33.43 27.31 -11.91
C ALA A 318 -34.64 27.19 -11.00
N LEU A 319 -35.83 27.06 -11.61
CA LEU A 319 -37.06 26.95 -10.84
C LEU A 319 -37.06 25.61 -10.11
N LEU A 320 -36.67 24.55 -10.83
CA LEU A 320 -36.62 23.21 -10.27
C LEU A 320 -35.73 23.18 -9.02
N LYS A 321 -34.49 23.62 -9.16
CA LYS A 321 -33.55 23.62 -8.04
C LYS A 321 -34.18 24.29 -6.83
N VAL A 322 -34.78 25.46 -7.05
CA VAL A 322 -35.43 26.21 -5.98
C VAL A 322 -36.66 25.54 -5.39
N VAL A 323 -37.46 24.90 -6.24
CA VAL A 323 -38.66 24.21 -5.78
C VAL A 323 -38.35 22.95 -4.98
N MET A 324 -37.35 22.17 -5.43
CA MET A 324 -36.97 20.95 -4.72
C MET A 324 -36.31 21.21 -3.36
N ARG A 325 -35.59 22.33 -3.25
CA ARG A 325 -34.93 22.71 -1.99
C ARG A 325 -35.99 23.01 -0.95
N LYS A 326 -37.09 23.63 -1.38
CA LYS A 326 -38.19 23.97 -0.49
C LYS A 326 -39.01 22.74 -0.11
N PHE A 327 -39.22 21.89 -1.10
CA PHE A 327 -40.01 20.67 -0.94
C PHE A 327 -39.31 19.63 -0.07
N LEU A 328 -38.01 19.43 -0.30
CA LEU A 328 -37.28 18.43 0.46
C LEU A 328 -35.81 18.83 0.70
N PRO A 329 -35.58 19.78 1.62
CA PRO A 329 -34.20 20.23 1.92
C PRO A 329 -33.33 19.01 2.24
N ALA A 330 -30.01 17.35 -0.22
CA ALA A 330 -29.08 16.22 -0.15
C ALA A 330 -28.49 16.00 1.25
N ALA A 331 -27.76 16.99 1.74
CA ALA A 331 -27.13 16.90 3.06
C ALA A 331 -28.03 16.25 4.10
N ASP A 332 -29.31 16.62 4.09
CA ASP A 332 -30.26 16.08 5.05
C ASP A 332 -30.36 14.56 4.99
N ALA A 333 -30.38 14.00 3.78
CA ALA A 333 -30.47 12.55 3.63
C ALA A 333 -29.21 11.90 4.19
N LEU A 334 -28.05 12.43 3.80
CA LEU A 334 -26.76 11.89 4.27
C LEU A 334 -26.57 12.00 5.78
N LEU A 335 -26.82 13.17 6.34
CA LEU A 335 -26.67 13.37 7.78
C LEU A 335 -27.56 12.41 8.57
N GLU A 336 -28.75 12.15 8.03
CA GLU A 336 -29.70 11.25 8.68
C GLU A 336 -29.11 9.85 8.82
N MET A 337 -28.50 9.33 7.75
CA MET A 337 -27.92 7.98 7.83
C MET A 337 -26.70 7.99 8.75
N ILE A 338 -25.93 9.07 8.72
CA ILE A 338 -24.74 9.18 9.53
C ILE A 338 -25.07 9.15 11.03
N VAL A 339 -25.98 10.01 11.45
CA VAL A 339 -26.39 10.10 12.84
C VAL A 339 -27.15 8.87 13.34
N LEU A 340 -28.16 8.44 12.59
CA LEU A 340 -28.98 7.30 12.99
C LEU A 340 -28.36 5.93 12.86
N HIS A 341 -27.45 5.76 11.89
CA HIS A 341 -26.87 4.44 11.66
C HIS A 341 -25.38 4.20 11.89
N LEU A 342 -24.53 5.18 11.58
CA LEU A 342 -23.11 4.99 11.80
C LEU A 342 -22.89 5.00 13.30
N PRO A 343 -21.96 4.16 13.80
CA PRO A 343 -21.65 4.07 15.23
C PRO A 343 -20.88 5.25 15.80
N SER A 344 -21.10 5.51 17.08
CA SER A 344 -20.38 6.57 17.78
C SER A 344 -19.10 5.87 18.22
N PRO A 345 -16.98 5.97 20.95
CA PRO A 345 -15.75 5.29 21.34
C PRO A 345 -16.02 4.33 22.51
N VAL A 346 -16.90 4.73 23.42
CA VAL A 346 -17.24 3.89 24.58
C VAL A 346 -17.82 2.55 24.11
N THR A 347 -18.75 2.63 23.17
CA THR A 347 -19.38 1.44 22.62
C THR A 347 -18.38 0.59 21.85
N ALA A 348 -17.63 1.23 20.96
CA ALA A 348 -16.69 0.52 20.11
C ALA A 348 -15.44 -0.05 20.77
N GLN A 349 -14.78 0.72 21.63
CA GLN A 349 -13.56 0.23 22.26
C GLN A 349 -13.82 -1.00 23.12
N ALA A 350 -15.08 -1.29 23.40
CA ALA A 350 -15.42 -2.46 24.20
C ALA A 350 -15.18 -3.75 23.44
N TYR A 351 -15.41 -3.74 22.13
CA TYR A 351 -15.19 -4.94 21.33
C TYR A 351 -13.99 -4.81 20.38
N ARG A 352 -13.29 -3.69 20.45
CA ARG A 352 -12.14 -3.49 19.59
C ARG A 352 -10.84 -3.57 20.37
N ALA A 353 -10.95 -3.43 21.69
CA ALA A 353 -9.79 -3.46 22.58
C ALA A 353 -8.75 -4.55 22.30
N GLU A 354 -9.15 -5.80 22.28
CA GLU A 354 -8.21 -6.89 22.05
C GLU A 354 -7.42 -6.84 20.75
N GLN A 355 -8.07 -6.49 19.64
CA GLN A 355 -7.35 -6.40 18.37
C GLN A 355 -6.35 -5.27 18.46
N LEU A 356 -6.83 -4.10 18.85
CA LEU A 356 -6.00 -2.92 18.97
C LEU A 356 -4.79 -3.12 19.87
N TYR A 357 -4.93 -3.97 20.88
CA TYR A 357 -3.84 -4.19 21.82
C TYR A 357 -3.08 -5.51 21.64
N GLU A 358 -1.77 -5.38 21.42
CA GLU A 358 -0.91 -6.56 21.24
C GLU A 358 -0.77 -7.30 22.57
N GLY A 359 -0.68 -6.56 23.67
CA GLY A 359 -0.53 -7.15 24.99
C GLY A 359 -1.56 -8.17 25.44
N PRO A 360 -1.59 -8.49 26.75
CA PRO A 360 -2.51 -9.45 27.37
C PRO A 360 -3.95 -8.95 27.38
N ALA A 361 -4.91 -9.82 27.07
CA ALA A 361 -6.30 -9.41 27.06
C ALA A 361 -6.80 -9.08 28.47
N ASP A 362 -6.10 -9.61 29.47
CA ASP A 362 -6.44 -9.41 30.88
C ASP A 362 -5.61 -8.26 31.47
N ASP A 363 -4.69 -7.76 30.65
CA ASP A 363 -3.77 -6.67 30.99
C ASP A 363 -4.48 -5.38 31.46
N ALA A 364 -3.82 -4.64 32.35
CA ALA A 364 -4.37 -3.40 32.87
C ALA A 364 -4.63 -2.35 31.79
N ASN A 365 -3.79 -2.37 30.75
CA ASN A 365 -3.94 -1.41 29.67
C ASN A 365 -5.05 -1.84 28.72
N CYS A 366 -5.18 -3.13 28.48
CA CYS A 366 -6.23 -3.61 27.60
C CYS A 366 -7.58 -3.25 28.22
N ILE A 367 -7.74 -3.50 29.53
CA ILE A 367 -8.98 -3.18 30.22
C ILE A 367 -9.28 -1.67 30.12
N ALA A 368 -8.26 -0.84 30.30
CA ALA A 368 -8.44 0.60 30.21
C ALA A 368 -8.90 0.99 28.80
N ILE A 369 -8.53 0.20 27.80
CA ILE A 369 -8.96 0.47 26.44
C ILE A 369 -10.43 0.05 26.31
N LYS A 370 -10.77 -1.12 26.83
CA LYS A 370 -12.15 -1.60 26.77
C LYS A 370 -13.11 -0.62 27.42
N ASN A 371 -12.67 -0.02 28.53
CA ASN A 371 -13.50 0.94 29.26
C ASN A 371 -13.31 2.37 28.81
N CYS A 372 -12.37 2.60 27.89
CA CYS A 372 -12.12 3.96 27.42
C CYS A 372 -11.95 4.81 28.68
N ASP A 373 -11.16 4.28 29.60
CA ASP A 373 -10.89 4.89 30.89
C ASP A 373 -9.87 6.02 30.80
N PRO A 374 -10.31 7.26 31.08
CA PRO A 374 -9.45 8.45 31.03
C PRO A 374 -8.51 8.62 32.25
N LYS A 375 -8.73 7.85 33.31
CA LYS A 375 -7.90 7.96 34.50
C LYS A 375 -6.80 6.91 34.55
N ALA A 376 -6.81 5.99 33.60
CA ALA A 376 -5.79 4.94 33.53
C ALA A 376 -4.51 5.48 32.93
N ASP A 377 -3.51 4.60 32.77
CA ASP A 377 -2.27 5.01 32.15
C ASP A 377 -2.57 5.34 30.70
N LEU A 378 -1.68 6.10 30.08
CA LEU A 378 -1.87 6.51 28.70
C LEU A 378 -1.69 5.41 27.67
N MET A 379 -2.59 5.40 26.69
CA MET A 379 -2.54 4.46 25.58
C MET A 379 -2.98 5.28 24.37
N LEU A 380 -2.03 6.02 23.81
CA LEU A 380 -2.30 6.88 22.65
C LEU A 380 -1.66 6.30 21.39
N TYR A 381 -2.48 6.00 20.38
CA TYR A 381 -2.01 5.45 19.11
C TYR A 381 -1.70 6.56 18.09
N VAL A 382 -0.49 6.57 17.53
CA VAL A 382 -0.15 7.58 16.54
C VAL A 382 -0.45 7.04 15.16
N SER A 383 -1.49 7.60 14.55
CA SER A 383 -1.95 7.18 13.22
C SER A 383 -0.97 7.53 12.11
N LYS A 384 -0.44 8.75 12.13
CA LYS A 384 0.52 9.21 11.12
C LYS A 384 1.12 10.57 11.48
N MET A 385 2.17 10.96 10.76
CA MET A 385 2.78 12.26 10.98
C MET A 385 2.23 13.17 9.87
N VAL A 386 1.72 14.34 10.26
CA VAL A 386 1.14 15.28 9.31
C VAL A 386 2.04 16.48 9.05
N PRO A 387 2.19 16.87 7.76
CA PRO A 387 3.01 18.00 7.35
C PRO A 387 2.45 19.32 7.85
N THR A 388 3.33 20.16 8.38
CA THR A 388 2.94 21.47 8.88
C THR A 388 3.81 22.49 8.16
N SER A 389 3.44 23.76 8.32
CA SER A 389 4.17 24.86 7.71
C SER A 389 5.26 25.36 8.67
N ASP A 390 5.36 24.71 9.82
CA ASP A 390 6.37 25.08 10.82
C ASP A 390 7.71 24.50 10.41
N LYS A 391 8.33 25.18 9.46
CA LYS A 391 9.64 24.80 8.93
C LYS A 391 10.09 23.36 9.12
N GLY A 392 9.57 22.48 8.27
CA GLY A 392 9.96 21.07 8.32
C GLY A 392 9.50 20.23 9.50
N ARG A 393 8.56 20.74 10.29
CA ARG A 393 8.08 19.99 11.43
C ARG A 393 6.77 19.22 11.13
N PHE A 394 6.73 17.96 11.56
CA PHE A 394 5.57 17.10 11.36
C PHE A 394 4.88 16.86 12.70
N TYR A 395 3.57 17.08 12.78
CA TYR A 395 2.85 16.84 14.02
C TYR A 395 2.30 15.43 14.00
N ALA A 396 2.27 14.79 15.17
CA ALA A 396 1.76 13.43 15.27
C ALA A 396 0.24 13.50 15.39
N PHE A 397 -0.44 12.70 14.59
CA PHE A 397 -1.91 12.63 14.58
C PHE A 397 -2.29 11.28 15.15
N GLY A 398 -3.29 11.26 16.03
CA GLY A 398 -3.68 9.99 16.62
C GLY A 398 -4.93 10.02 17.46
N ARG A 399 -5.08 8.99 18.28
CA ARG A 399 -6.26 8.87 19.12
C ARG A 399 -5.91 8.35 20.50
N VAL A 400 -6.49 8.99 21.52
CA VAL A 400 -6.28 8.61 22.91
C VAL A 400 -7.24 7.47 23.20
N PHE A 401 -6.71 6.27 23.43
CA PHE A 401 -7.57 5.13 23.72
C PHE A 401 -7.76 4.93 25.21
N ALA A 402 -6.75 5.32 25.99
CA ALA A 402 -6.81 5.21 27.44
C ALA A 402 -6.05 6.37 28.08
N GLY A 403 -6.44 6.73 29.30
CA GLY A 403 -5.79 7.82 29.99
C GLY A 403 -6.17 9.14 29.36
N THR A 404 -5.35 10.17 29.59
CA THR A 404 -5.57 11.48 29.00
C THR A 404 -4.17 12.04 28.79
N VAL A 405 -3.95 12.67 27.63
CA VAL A 405 -2.65 13.25 27.32
C VAL A 405 -2.64 14.74 27.72
N LYS A 406 -1.51 15.20 28.24
CA LYS A 406 -1.40 16.60 28.68
C LYS A 406 -0.17 17.27 28.11
N SER A 407 -0.24 18.59 27.96
CA SER A 407 0.88 19.35 27.45
C SER A 407 2.01 19.33 28.49
N GLY A 408 3.22 19.04 28.03
CA GLY A 408 4.37 18.99 28.92
C GLY A 408 4.40 17.72 29.75
N GLN A 409 3.61 16.73 29.34
CA GLN A 409 3.54 15.46 30.04
C GLN A 409 4.70 14.54 29.66
N LYS A 410 5.26 13.86 30.65
CA LYS A 410 6.35 12.91 30.38
C LYS A 410 5.67 11.63 29.90
N VAL A 411 5.99 11.22 28.68
CA VAL A 411 5.39 10.00 28.13
C VAL A 411 6.46 9.10 27.54
N ARG A 412 6.08 7.86 27.22
CA ARG A 412 7.00 6.89 26.65
C ARG A 412 6.67 6.57 25.20
N ILE A 413 7.48 7.08 24.27
CA ILE A 413 7.29 6.87 22.84
C ILE A 413 7.82 5.51 22.40
N GLN A 414 6.94 4.62 21.96
CA GLN A 414 7.36 3.27 21.54
C GLN A 414 7.15 3.02 20.04
N GLY A 415 8.26 2.93 19.29
CA GLY A 415 8.18 2.71 17.86
C GLY A 415 7.56 1.38 17.47
N PRO A 416 7.65 1.00 16.18
CA PRO A 416 7.09 -0.26 15.65
C PRO A 416 7.80 -1.53 16.13
N ASN A 417 9.00 -1.38 16.67
CA ASN A 417 9.77 -2.54 17.12
C ASN A 417 9.95 -2.65 18.64
N TYR A 418 9.29 -1.78 19.40
CA TYR A 418 9.42 -1.81 20.85
C TYR A 418 8.80 -3.02 21.53
N VAL A 419 9.48 -3.48 22.58
CA VAL A 419 9.04 -4.61 23.39
C VAL A 419 9.30 -4.24 24.85
N PRO A 420 8.29 -4.42 25.72
CA PRO A 420 8.42 -4.10 27.15
C PRO A 420 9.74 -4.48 27.81
N GLY A 421 10.40 -5.52 27.30
CA GLY A 421 11.65 -5.96 27.89
C GLY A 421 12.91 -5.25 27.41
N LYS A 422 12.99 -5.00 26.10
CA LYS A 422 14.15 -4.35 25.51
C LYS A 422 13.99 -2.83 25.45
N LYS A 423 15.09 -2.12 25.20
CA LYS A 423 15.04 -0.68 25.11
C LYS A 423 15.07 -0.19 23.66
N ASP A 424 14.59 -1.05 22.76
CA ASP A 424 14.52 -0.73 21.33
C ASP A 424 13.36 0.22 21.08
N ASP A 425 13.52 1.14 20.13
CA ASP A 425 12.47 2.10 19.78
C ASP A 425 11.93 2.95 20.94
N LEU A 426 12.37 2.69 22.17
CA LEU A 426 11.89 3.48 23.31
C LEU A 426 12.45 4.89 23.32
N PHE A 427 11.59 5.85 23.63
CA PHE A 427 11.99 7.25 23.68
C PHE A 427 11.15 7.99 24.71
N ILE A 428 11.77 8.35 25.82
CA ILE A 428 11.06 9.09 26.84
C ILE A 428 11.32 10.56 26.58
N LYS A 429 10.25 11.33 26.49
CA LYS A 429 10.37 12.75 26.24
C LYS A 429 9.05 13.39 26.64
N ALA A 430 9.07 14.68 26.95
CA ALA A 430 7.85 15.39 27.32
C ALA A 430 7.14 15.82 26.03
N ILE A 431 5.80 15.85 26.07
CA ILE A 431 5.03 16.27 24.91
C ILE A 431 4.95 17.77 25.03
N GLN A 432 5.47 18.47 24.02
CA GLN A 432 5.49 19.92 24.03
C GLN A 432 4.14 20.60 24.05
N ARG A 433 3.20 20.12 23.24
CA ARG A 433 1.90 20.75 23.17
C ARG A 433 0.86 19.78 22.60
N VAL A 434 -0.36 19.88 23.11
CA VAL A 434 -1.46 19.05 22.66
C VAL A 434 -2.34 19.99 21.86
N VAL A 435 -2.57 19.65 20.59
CA VAL A 435 -3.37 20.51 19.74
C VAL A 435 -4.58 19.83 19.10
N LEU A 436 -5.64 20.60 18.92
CA LEU A 436 -6.84 20.11 18.26
C LEU A 436 -6.52 20.20 16.77
N MET A 437 -6.75 19.13 16.02
CA MET A 437 -6.48 19.15 14.59
C MET A 437 -7.80 19.52 13.90
N MET A 438 -7.96 20.79 13.57
CA MET A 438 -9.18 21.27 12.93
C MET A 438 -8.94 21.71 11.49
N GLY A 439 -9.03 20.78 10.55
CA GLY A 439 -8.80 21.14 9.17
C GLY A 439 -7.33 21.46 8.95
N ARG A 440 -7.04 22.64 8.42
CA ARG A 440 -5.66 23.04 8.16
C ARG A 440 -5.05 23.75 9.35
N PHE A 441 -5.85 23.93 10.40
CA PHE A 441 -5.40 24.63 11.59
C PHE A 441 -5.30 23.78 12.83
N VAL A 442 -4.64 24.32 13.84
CA VAL A 442 -4.46 23.64 15.10
C VAL A 442 -4.87 24.59 16.22
N GLU A 443 -5.17 24.03 17.38
CA GLU A 443 -5.58 24.82 18.52
C GLU A 443 -5.00 24.21 19.79
N PRO A 444 -3.97 24.84 20.37
CA PRO A 444 -3.36 24.32 21.59
C PRO A 444 -4.43 24.12 22.66
N ILE A 445 -4.31 23.02 23.40
CA ILE A 445 -5.25 22.67 24.44
C ILE A 445 -4.38 22.07 25.56
N ASP A 446 -4.88 22.07 26.80
CA ASP A 446 -4.07 21.54 27.90
C ASP A 446 -4.07 20.03 27.95
N ASP A 447 -5.24 19.42 27.81
CA ASP A 447 -5.32 17.98 27.87
C ASP A 447 -6.38 17.42 26.94
N CYS A 448 -6.44 16.10 26.87
CA CYS A 448 -7.40 15.42 26.03
C CYS A 448 -7.60 14.01 26.58
N PRO A 449 -8.82 13.69 27.03
CA PRO A 449 -9.13 12.37 27.59
C PRO A 449 -9.42 11.28 26.57
N ALA A 450 -9.41 10.04 27.06
CA ALA A 450 -9.65 8.86 26.23
C ALA A 450 -10.93 8.94 25.41
N GLY A 451 -10.83 8.50 24.15
CA GLY A 451 -11.98 8.52 23.25
C GLY A 451 -11.90 9.59 22.17
N ASN A 452 -10.96 10.52 22.32
CA ASN A 452 -10.82 11.61 21.36
C ASN A 452 -9.65 11.53 20.39
N ILE A 453 -9.79 12.25 19.28
CA ILE A 453 -8.76 12.33 18.26
C ILE A 453 -7.93 13.55 18.67
N ILE A 454 -6.64 13.55 18.36
CA ILE A 454 -5.82 14.69 18.78
C ILE A 454 -4.49 14.73 18.07
N GLY A 455 -3.83 15.88 18.13
CA GLY A 455 -2.53 16.04 17.51
C GLY A 455 -1.47 16.40 18.55
N LEU A 456 -0.28 15.82 18.41
CA LEU A 456 0.85 16.06 19.32
C LEU A 456 2.03 16.73 18.64
N VAL A 457 2.54 17.80 19.24
CA VAL A 457 3.69 18.49 18.67
C VAL A 457 4.93 18.17 19.49
N GLY A 458 6.03 17.90 18.79
CA GLY A 458 7.28 17.59 19.46
C GLY A 458 7.67 16.13 19.36
N ILE A 459 6.86 15.32 18.70
CA ILE A 459 7.15 13.88 18.56
C ILE A 459 7.89 13.53 17.26
N ASP A 460 8.03 14.52 16.37
CA ASP A 460 8.68 14.37 15.06
C ASP A 460 9.86 13.39 14.94
N GLN A 461 10.94 13.73 15.64
CA GLN A 461 12.19 12.97 15.64
C GLN A 461 12.12 11.54 16.11
N PHE A 462 11.30 11.30 17.12
CA PHE A 462 11.20 9.96 17.69
C PHE A 462 10.27 9.02 16.93
N LEU A 463 9.27 9.58 16.25
CA LEU A 463 8.35 8.72 15.52
C LEU A 463 8.11 9.19 14.09
N LEU A 464 8.14 8.24 13.16
CA LEU A 464 7.88 8.51 11.75
C LEU A 464 6.88 7.45 11.33
N LYS A 465 5.65 7.87 11.11
CA LYS A 465 4.52 6.99 10.76
C LYS A 465 3.87 6.50 12.06
N THR A 466 3.43 5.25 12.11
CA THR A 466 2.78 4.75 13.31
C THR A 466 3.65 4.54 14.56
N GLY A 467 3.00 4.53 15.72
CA GLY A 467 3.68 4.33 16.99
C GLY A 467 2.69 4.12 18.12
N THR A 468 3.14 4.24 19.37
CA THR A 468 2.28 4.06 20.53
C THR A 468 2.82 4.77 21.78
N LEU A 469 2.09 5.77 22.25
CA LEU A 469 2.50 6.50 23.44
C LEU A 469 1.85 5.93 24.70
N THR A 470 2.65 5.71 25.73
CA THR A 470 2.16 5.17 26.98
C THR A 470 2.79 5.85 28.18
N THR A 471 2.16 5.70 29.31
CA THR A 471 2.64 6.28 30.55
C THR A 471 2.86 5.17 31.57
N SER A 472 2.91 3.93 31.04
CA SER A 472 3.10 2.73 31.84
C SER A 472 4.30 1.94 31.33
N GLU A 473 5.20 1.59 32.25
CA GLU A 473 6.40 0.83 31.91
C GLU A 473 6.04 -0.58 31.43
N THR A 474 4.84 -1.01 31.78
CA THR A 474 4.32 -2.34 31.42
C THR A 474 3.64 -2.31 30.06
N ALA A 475 3.11 -1.14 29.71
CA ALA A 475 2.38 -0.94 28.47
C ALA A 475 2.97 -1.63 27.25
N HIS A 476 2.15 -2.42 26.59
CA HIS A 476 2.54 -3.09 25.36
C HIS A 476 2.19 -2.18 24.22
N ASN A 477 2.77 -2.45 23.05
CA ASN A 477 2.49 -1.63 21.87
C ASN A 477 1.14 -2.06 21.16
N MET A 478 0.45 -1.16 20.32
CA MET A 478 -0.86 -1.37 19.48
C MET A 478 -0.74 -1.99 17.81
N LYS A 479 -1.86 -2.15 16.57
CA LYS A 479 -2.16 -2.96 14.87
C LYS A 479 -2.94 -2.71 12.97
N VAL A 480 -3.90 -3.56 11.45
CA VAL A 480 -4.47 -3.42 9.42
C VAL A 480 -5.53 -3.77 7.39
N MET A 481 -7.07 -4.35 6.15
CA MET A 481 -8.28 -4.81 4.40
C MET A 481 -8.38 -5.97 2.89
N LYS A 482 -9.86 -6.97 -1.34
CA LYS A 482 -9.80 -7.84 -2.84
C LYS A 482 -9.25 -7.04 -4.01
N PHE A 483 -4.60 -6.95 -8.73
CA PHE A 483 -3.46 -6.05 -8.84
C PHE A 483 -2.19 -6.62 -8.22
N SER A 484 -1.05 -6.28 -8.80
CA SER A 484 0.24 -6.74 -8.32
C SER A 484 0.52 -6.19 -6.92
N VAL A 485 1.23 -6.97 -6.10
CA VAL A 485 1.55 -6.53 -4.76
C VAL A 485 3.06 -6.64 -4.50
N SER A 486 3.81 -7.00 -5.53
CA SER A 486 5.26 -7.16 -5.44
C SER A 486 5.98 -6.08 -6.25
N PRO A 487 7.06 -5.52 -5.70
CA PRO A 487 7.85 -4.47 -6.38
C PRO A 487 8.65 -5.01 -7.57
N VAL A 488 7.98 -5.63 -8.54
CA VAL A 488 8.69 -6.20 -9.70
C VAL A 488 9.22 -5.23 -10.74
N VAL A 489 8.76 -3.97 -10.72
CA VAL A 489 9.22 -2.96 -11.68
C VAL A 489 10.19 -1.99 -10.99
N GLN A 490 11.45 -1.97 -11.42
CA GLN A 490 12.44 -1.11 -10.79
C GLN A 490 13.37 -0.36 -11.75
N VAL A 491 13.78 0.84 -11.32
CA VAL A 491 14.69 1.67 -12.10
C VAL A 491 15.75 2.33 -11.20
N ALA A 492 16.81 2.81 -11.82
CA ALA A 492 17.89 3.49 -11.08
C ALA A 492 17.60 4.98 -11.12
N VAL A 493 17.71 5.63 -9.98
CA VAL A 493 17.45 7.06 -9.87
C VAL A 493 18.68 7.83 -9.45
N GLU A 494 18.92 8.96 -10.12
CA GLU A 494 20.09 9.75 -9.80
C GLU A 494 19.87 11.23 -10.12
N VAL A 495 20.48 12.10 -9.32
CA VAL A 495 20.35 13.54 -9.51
C VAL A 495 21.14 14.03 -10.73
N LYS A 496 20.56 14.96 -11.48
CA LYS A 496 21.21 15.52 -12.66
C LYS A 496 22.31 16.47 -12.23
N ASN A 497 22.19 16.98 -11.01
CA ASN A 497 23.18 17.89 -10.46
C ASN A 497 23.75 17.32 -9.16
N ALA A 498 24.94 16.73 -9.28
CA ALA A 498 25.65 16.10 -8.18
C ALA A 498 25.36 16.65 -6.79
N ASN A 499 25.33 17.97 -6.67
CA ASN A 499 25.09 18.62 -5.39
C ASN A 499 23.72 18.35 -4.78
N ASP A 500 22.80 17.84 -5.58
CA ASP A 500 21.45 17.56 -5.10
C ASP A 500 21.29 16.24 -4.36
N LEU A 501 22.30 15.37 -4.47
CA LEU A 501 22.27 14.06 -3.83
C LEU A 501 21.61 14.02 -2.46
N PRO A 502 21.88 15.02 -1.61
CA PRO A 502 21.26 15.01 -0.27
C PRO A 502 19.73 15.02 -0.27
N LYS A 503 19.15 15.81 -1.17
CA LYS A 503 17.71 15.92 -1.29
C LYS A 503 17.11 14.62 -1.81
N LEU A 504 17.83 13.96 -2.71
CA LEU A 504 17.37 12.71 -3.27
C LEU A 504 17.32 11.65 -2.18
N VAL A 505 18.42 11.49 -1.46
CA VAL A 505 18.51 10.51 -0.38
C VAL A 505 17.42 10.76 0.65
N GLU A 506 17.07 12.03 0.83
CA GLU A 506 16.03 12.39 1.78
C GLU A 506 14.65 12.15 1.18
N GLY A 507 14.52 12.44 -0.11
CA GLY A 507 13.25 12.25 -0.79
C GLY A 507 12.81 10.79 -0.79
N LEU A 508 13.77 9.89 -0.97
CA LEU A 508 13.46 8.47 -0.99
C LEU A 508 12.87 8.04 0.34
N LYS A 509 13.41 8.56 1.43
CA LYS A 509 12.91 8.23 2.76
C LYS A 509 11.46 8.70 2.87
N ARG A 510 11.22 9.95 2.47
CA ARG A 510 9.87 10.52 2.49
C ARG A 510 8.91 9.68 1.64
N LEU A 511 9.37 9.29 0.46
CA LEU A 511 8.59 8.48 -0.47
C LEU A 511 8.26 7.11 0.12
N SER A 512 9.26 6.46 0.71
CA SER A 512 9.05 5.15 1.30
C SER A 512 7.99 5.19 2.41
N LYS A 513 8.09 6.19 3.28
CA LYS A 513 7.15 6.34 4.39
C LYS A 513 5.71 6.54 3.96
N SER A 514 5.51 7.27 2.87
CA SER A 514 4.17 7.56 2.37
C SER A 514 3.56 6.46 1.52
N ASP A 515 4.37 5.53 1.04
CA ASP A 515 3.87 4.45 0.21
C ASP A 515 4.32 3.10 0.75
N PRO A 516 3.35 2.25 1.15
CA PRO A 516 3.66 0.92 1.69
C PRO A 516 4.21 -0.01 0.61
N CYS A 517 3.67 0.10 -0.59
CA CYS A 517 4.07 -0.76 -1.70
C CYS A 517 5.31 -0.29 -2.47
N VAL A 518 5.90 0.83 -2.07
CA VAL A 518 7.09 1.32 -2.75
C VAL A 518 8.36 0.84 -2.06
N LEU A 519 9.38 0.54 -2.84
CA LEU A 519 10.66 0.06 -2.31
C LEU A 519 11.86 0.80 -2.88
N THR A 520 12.82 1.14 -2.02
CA THR A 520 14.04 1.82 -2.43
C THR A 520 15.22 1.22 -1.68
N TYR A 521 16.32 0.98 -2.39
CA TYR A 521 17.52 0.40 -1.79
C TYR A 521 18.72 0.67 -2.70
N MET A 522 19.93 0.52 -2.17
CA MET A 522 21.14 0.75 -2.96
C MET A 522 21.64 -0.56 -3.62
N SER A 523 21.89 -0.50 -4.93
CA SER A 523 22.30 -1.68 -5.67
C SER A 523 23.76 -2.04 -5.49
N GLU A 524 24.09 -3.27 -5.86
CA GLU A 524 25.45 -3.78 -5.76
C GLU A 524 26.41 -2.88 -6.54
N SER A 525 25.89 -2.18 -7.55
CA SER A 525 26.71 -1.29 -8.37
C SER A 525 26.69 0.17 -7.91
N GLY A 526 26.09 0.42 -6.75
CA GLY A 526 26.04 1.77 -6.22
C GLY A 526 24.98 2.70 -6.77
N GLU A 527 23.84 2.17 -7.21
CA GLU A 527 22.77 3.01 -7.73
C GLU A 527 21.56 2.96 -6.80
N HIS A 528 20.89 4.10 -6.63
CA HIS A 528 19.69 4.14 -5.81
C HIS A 528 18.61 3.47 -6.67
N ILE A 529 17.93 2.49 -6.10
CA ILE A 529 16.88 1.81 -6.84
C ILE A 529 15.52 2.12 -6.24
N VAL A 530 14.55 2.37 -7.11
CA VAL A 530 13.19 2.62 -6.70
C VAL A 530 12.39 1.58 -7.47
N ALA A 531 11.58 0.81 -6.75
CA ALA A 531 10.78 -0.25 -7.35
C ALA A 531 9.32 -0.11 -7.00
N GLY A 532 8.46 -0.35 -7.99
CA GLY A 532 7.04 -0.25 -7.78
C GLY A 532 6.32 -1.52 -8.17
N THR A 533 5.10 -1.63 -7.65
CA THR A 533 4.21 -2.75 -7.89
C THR A 533 3.95 -3.02 -9.36
N GLY A 534 3.75 -1.95 -10.12
CA GLY A 534 3.50 -2.07 -11.55
C GLY A 534 4.08 -0.84 -12.24
N GLU A 535 4.13 -0.85 -13.57
CA GLU A 535 4.70 0.28 -14.30
C GLU A 535 4.03 1.61 -13.94
N LEU A 536 2.72 1.60 -13.80
CA LEU A 536 1.97 2.80 -13.46
C LEU A 536 2.30 3.28 -12.05
N HIS A 537 2.33 2.36 -11.09
CA HIS A 537 2.64 2.69 -9.72
C HIS A 537 4.01 3.35 -9.65
N LEU A 538 4.99 2.72 -10.29
CA LEU A 538 6.35 3.23 -10.30
C LEU A 538 6.41 4.63 -10.88
N GLU A 539 5.60 4.89 -11.90
CA GLU A 539 5.56 6.20 -12.54
C GLU A 539 5.04 7.28 -11.58
N ILE A 540 3.96 6.99 -10.84
CA ILE A 540 3.43 7.97 -9.90
C ILE A 540 4.57 8.25 -8.91
N CYS A 541 5.13 7.18 -8.37
CA CYS A 541 6.21 7.28 -7.39
C CYS A 541 7.37 8.16 -7.85
N LEU A 542 7.83 7.95 -9.08
CA LEU A 542 8.93 8.73 -9.62
C LEU A 542 8.53 10.20 -9.81
N GLN A 543 7.30 10.41 -10.25
CA GLN A 543 6.80 11.77 -10.43
C GLN A 543 6.78 12.46 -9.07
N ASP A 544 6.14 11.82 -8.09
CA ASP A 544 6.07 12.38 -6.75
C ASP A 544 7.45 12.57 -6.12
N LEU A 545 8.35 11.61 -6.35
CA LEU A 545 9.70 11.71 -5.79
C LEU A 545 10.38 12.95 -6.36
N GLU A 546 10.41 13.04 -7.68
CA GLU A 546 11.04 14.18 -8.34
C GLU A 546 10.41 15.53 -8.03
N HIS A 547 9.09 15.62 -8.16
CA HIS A 547 8.41 16.89 -7.92
C HIS A 547 8.30 17.32 -6.46
N ASP A 548 7.84 16.43 -5.58
CA ASP A 548 7.67 16.76 -4.17
C ASP A 548 8.77 16.25 -3.25
N HIS A 549 8.68 14.96 -2.92
CA HIS A 549 9.62 14.29 -2.03
C HIS A 549 11.07 14.79 -2.08
N ALA A 550 11.65 14.82 -3.28
CA ALA A 550 13.02 15.30 -3.42
C ALA A 550 13.03 16.71 -4.02
N GLY A 551 12.11 16.96 -4.93
CA GLY A 551 12.01 18.25 -5.57
C GLY A 551 13.27 18.70 -6.28
N VAL A 552 13.84 17.81 -7.09
CA VAL A 552 15.05 18.13 -7.82
C VAL A 552 15.12 17.29 -9.09
N PRO A 553 15.73 17.84 -10.16
CA PRO A 553 15.83 17.07 -11.41
C PRO A 553 16.41 15.69 -11.16
N LEU A 554 15.69 14.65 -11.59
CA LEU A 554 16.17 13.29 -11.43
C LEU A 554 16.42 12.69 -12.80
N LYS A 555 17.33 11.73 -12.86
CA LYS A 555 17.63 11.04 -14.10
C LYS A 555 17.24 9.57 -13.90
N ILE A 556 16.40 9.06 -14.80
CA ILE A 556 15.91 7.70 -14.70
C ILE A 556 16.53 6.81 -15.78
N SER A 557 16.86 5.58 -15.40
CA SER A 557 17.48 4.64 -16.31
C SER A 557 17.42 3.20 -15.81
N PRO A 558 17.68 2.24 -16.72
CA PRO A 558 17.66 0.82 -16.36
C PRO A 558 18.83 0.59 -15.41
N PRO A 559 14.81 -3.21 -13.65
CA PRO A 559 16.02 -3.39 -12.87
C PRO A 559 17.08 -4.20 -13.60
N VAL A 560 18.32 -3.76 -13.47
CA VAL A 560 19.47 -4.43 -14.06
C VAL A 560 19.64 -5.74 -13.28
N VAL A 561 19.88 -6.83 -14.01
CA VAL A 561 20.05 -8.13 -13.36
C VAL A 561 21.55 -8.39 -13.16
N ALA A 562 21.92 -8.87 -11.98
CA ALA A 562 23.32 -9.16 -11.66
C ALA A 562 23.67 -10.58 -12.09
N TYR A 563 24.90 -10.76 -12.56
CA TYR A 563 25.36 -12.09 -12.98
C TYR A 563 26.65 -12.45 -12.27
N ARG A 564 27.04 -13.72 -12.39
CA ARG A 564 28.27 -14.22 -11.79
C ARG A 564 29.16 -14.76 -12.88
N GLU A 565 30.47 -14.68 -12.66
CA GLU A 565 31.43 -15.18 -13.63
C GLU A 565 32.15 -16.40 -13.06
N THR A 566 31.94 -17.54 -13.72
CA THR A 566 32.57 -18.77 -13.28
C THR A 566 33.25 -19.54 -14.42
N VAL A 567 33.84 -20.68 -14.08
CA VAL A 567 34.53 -21.56 -15.01
C VAL A 567 33.87 -22.97 -14.99
N GLU A 568 33.79 -23.61 -16.16
CA GLU A 568 33.17 -24.94 -16.27
C GLU A 568 34.14 -26.12 -16.12
N SER A 569 35.43 -25.89 -16.34
CA SER A 569 36.43 -26.96 -16.22
C SER A 569 37.80 -26.36 -15.86
N GLU A 570 38.82 -27.20 -15.76
CA GLU A 570 40.15 -26.72 -15.42
C GLU A 570 40.74 -25.98 -16.60
N SER A 571 41.74 -25.13 -16.35
CA SER A 571 42.39 -24.38 -17.42
C SER A 571 42.94 -25.38 -18.44
N SER A 572 42.66 -25.18 -19.72
CA SER A 572 43.14 -26.10 -20.74
C SER A 572 44.67 -26.16 -20.78
N GLN A 573 45.31 -25.20 -20.11
CA GLN A 573 46.77 -25.15 -20.03
C GLN A 573 47.20 -24.14 -18.98
N THR A 574 48.35 -24.37 -18.37
CA THR A 574 48.89 -23.48 -17.36
C THR A 574 48.85 -22.03 -17.80
N ALA A 575 48.36 -21.16 -16.92
CA ALA A 575 48.29 -19.72 -17.23
C ALA A 575 49.62 -19.12 -16.80
N LEU A 576 50.19 -18.30 -17.67
CA LEU A 576 51.47 -17.68 -17.37
C LEU A 576 51.39 -16.17 -17.60
N SER A 577 51.80 -15.41 -16.60
CA SER A 577 51.80 -13.95 -16.68
C SER A 577 52.99 -13.39 -15.93
N LYS A 578 53.52 -12.27 -16.42
CA LYS A 578 54.66 -11.64 -15.78
C LYS A 578 54.27 -10.28 -15.24
N SER A 579 55.11 -9.72 -14.38
CA SER A 579 54.85 -8.40 -13.79
C SER A 579 55.33 -7.28 -14.70
N PRO A 580 54.90 -6.04 -14.43
CA PRO A 580 55.34 -4.94 -15.27
C PRO A 580 56.87 -4.95 -15.44
N ASN A 581 57.58 -5.23 -14.34
CA ASN A 581 59.03 -5.31 -14.35
C ASN A 581 59.53 -6.33 -15.37
N LYS A 582 58.72 -7.36 -15.58
CA LYS A 582 59.05 -8.48 -16.46
C LYS A 582 59.97 -9.44 -15.72
N HIS A 583 60.21 -9.15 -14.43
CA HIS A 583 61.08 -9.99 -13.60
C HIS A 583 60.33 -11.08 -12.84
N ASN A 584 59.04 -10.88 -12.61
CA ASN A 584 58.27 -11.84 -11.84
C ASN A 584 57.22 -12.56 -12.68
N ARG A 585 57.02 -13.84 -12.40
CA ARG A 585 56.03 -14.61 -13.15
C ARG A 585 55.20 -15.53 -12.27
N ILE A 586 53.91 -15.63 -12.56
CA ILE A 586 53.06 -16.52 -11.80
C ILE A 586 52.48 -17.57 -12.76
N TYR A 587 52.50 -18.82 -12.33
CA TYR A 587 51.98 -19.94 -13.12
C TYR A 587 50.77 -20.49 -12.39
N LEU A 588 49.60 -20.49 -13.02
CA LEU A 588 48.42 -21.02 -12.34
C LEU A 588 47.38 -21.65 -13.26
N LYS A 589 46.43 -22.34 -12.64
CA LYS A 589 45.33 -22.96 -13.35
C LYS A 589 44.08 -22.69 -12.54
N ALA A 590 42.95 -22.57 -13.22
CA ALA A 590 41.69 -22.34 -12.55
C ALA A 590 40.83 -23.56 -12.79
N GLU A 591 39.96 -23.87 -11.83
CA GLU A 591 39.05 -25.00 -11.95
C GLU A 591 37.77 -24.70 -11.16
N PRO A 592 36.67 -25.33 -11.55
CA PRO A 592 35.36 -25.15 -10.90
C PRO A 592 35.33 -25.57 -9.44
N ILE A 593 34.59 -24.85 -8.62
CA ILE A 593 34.40 -25.25 -7.23
C ILE A 593 33.00 -25.85 -7.27
N ASP A 594 32.82 -26.99 -6.62
CA ASP A 594 31.53 -27.67 -6.61
C ASP A 594 30.44 -26.76 -6.00
N GLU A 595 29.22 -26.82 -6.55
CA GLU A 595 28.09 -26.03 -6.04
C GLU A 595 27.86 -26.24 -4.54
N GLU A 596 27.87 -27.50 -4.11
CA GLU A 596 27.64 -27.82 -2.71
C GLU A 596 28.65 -27.10 -1.84
N VAL A 597 29.87 -26.90 -2.36
CA VAL A 597 30.92 -26.23 -1.61
C VAL A 597 30.72 -24.73 -1.63
N SER A 598 30.33 -24.18 -2.78
CA SER A 598 30.09 -22.76 -2.89
C SER A 598 28.96 -22.43 -1.91
N LEU A 599 27.92 -23.26 -1.96
CA LEU A 599 26.77 -23.09 -1.09
C LEU A 599 27.19 -23.16 0.36
N ALA A 600 28.07 -24.13 0.67
CA ALA A 600 28.55 -24.30 2.03
C ALA A 600 29.29 -23.04 2.53
N ILE A 601 30.03 -22.41 1.62
CA ILE A 601 30.75 -21.21 1.97
C ILE A 601 29.77 -20.07 2.16
N GLU A 602 28.88 -19.89 1.18
CA GLU A 602 27.88 -18.83 1.24
C GLU A 602 26.99 -18.94 2.48
N ASN A 603 26.66 -20.16 2.88
CA ASN A 603 25.75 -20.34 4.01
C ASN A 603 26.32 -20.64 5.41
N GLY A 604 27.63 -20.61 5.57
CA GLY A 604 28.19 -20.83 6.89
C GLY A 604 28.79 -22.15 7.34
N ILE A 605 28.88 -23.15 6.46
CA ILE A 605 29.49 -24.41 6.89
C ILE A 605 31.02 -24.29 6.77
N ILE A 606 31.47 -23.67 5.68
CA ILE A 606 32.90 -23.49 5.42
C ILE A 606 33.17 -21.99 5.55
N ASN A 607 33.89 -21.59 6.59
CA ASN A 607 34.12 -20.17 6.81
C ASN A 607 35.55 -19.65 6.75
N PRO A 608 35.71 -18.42 6.24
CA PRO A 608 36.99 -17.73 6.08
C PRO A 608 37.80 -17.66 7.37
N ARG A 609 37.14 -17.42 8.50
CA ARG A 609 37.86 -17.29 9.75
C ARG A 609 37.97 -18.56 10.59
N ASP A 610 37.38 -19.67 10.14
CA ASP A 610 37.49 -20.91 10.91
C ASP A 610 38.95 -21.35 10.98
N ASP A 611 39.23 -22.22 11.95
CA ASP A 611 40.56 -22.78 12.12
C ASP A 611 40.83 -23.60 10.86
N PHE A 612 41.89 -23.23 10.14
CA PHE A 612 42.23 -23.89 8.89
C PHE A 612 42.31 -25.42 9.00
N LYS A 613 42.70 -25.94 10.16
CA LYS A 613 42.83 -27.38 10.30
C LYS A 613 41.48 -28.10 10.30
N ALA A 614 40.61 -27.72 11.23
CA ALA A 614 39.29 -28.34 11.31
C ALA A 614 38.52 -28.11 9.99
N ARG A 615 38.68 -26.93 9.40
CA ARG A 615 37.99 -26.62 8.15
C ARG A 615 38.47 -27.59 7.06
N ALA A 616 39.78 -27.81 6.99
CA ALA A 616 40.34 -28.69 5.98
C ALA A 616 39.88 -30.13 6.16
N ARG A 617 39.67 -30.55 7.41
CA ARG A 617 39.21 -31.91 7.67
C ARG A 617 37.80 -32.08 7.08
N ILE A 618 36.99 -31.03 7.23
CA ILE A 618 35.63 -31.04 6.70
C ILE A 618 35.65 -31.04 5.18
N MET A 619 36.39 -30.11 4.60
CA MET A 619 36.45 -30.03 3.15
C MET A 619 36.96 -31.33 2.53
N ALA A 620 37.90 -31.98 3.21
CA ALA A 620 38.46 -33.23 2.71
C ALA A 620 37.56 -34.43 2.99
N ASP A 621 37.19 -34.64 4.24
CA ASP A 621 36.38 -35.78 4.61
C ASP A 621 34.93 -35.73 4.15
N ASP A 622 34.36 -34.53 4.12
CA ASP A 622 32.97 -34.39 3.73
C ASP A 622 32.73 -33.88 2.30
N TYR A 623 33.69 -33.15 1.73
CA TYR A 623 33.49 -32.60 0.40
C TYR A 623 34.44 -33.11 -0.68
N GLY A 624 35.22 -34.14 -0.34
CA GLY A 624 36.13 -34.71 -1.31
C GLY A 624 37.39 -33.94 -1.64
N TRP A 625 37.71 -32.92 -0.86
CA TRP A 625 38.92 -32.17 -1.15
C TRP A 625 40.14 -32.94 -0.65
N ASP A 626 41.29 -32.58 -1.21
CA ASP A 626 42.55 -33.15 -0.77
C ASP A 626 42.86 -32.29 0.46
N VAL A 627 43.07 -32.91 1.61
CA VAL A 627 43.32 -32.14 2.83
C VAL A 627 44.52 -31.18 2.79
N THR A 628 45.54 -31.46 1.98
CA THR A 628 46.69 -30.54 1.91
C THR A 628 46.26 -29.27 1.16
N ASP A 629 45.52 -29.46 0.07
CA ASP A 629 45.02 -28.33 -0.71
C ASP A 629 44.16 -27.46 0.20
N ALA A 630 43.28 -28.09 0.96
CA ALA A 630 42.38 -27.38 1.87
C ALA A 630 43.16 -26.65 2.96
N ARG A 631 44.10 -27.33 3.60
CA ARG A 631 44.87 -26.67 4.65
C ARG A 631 45.61 -25.47 4.09
N LYS A 632 45.83 -25.48 2.78
CA LYS A 632 46.55 -24.39 2.14
C LYS A 632 45.73 -23.34 1.40
N ILE A 633 44.45 -23.18 1.74
CA ILE A 633 43.71 -22.14 1.04
C ILE A 633 44.34 -20.83 1.55
N TRP A 634 44.66 -19.92 0.65
CA TRP A 634 45.28 -18.65 1.04
C TRP A 634 44.28 -17.56 1.39
N CYS A 635 43.10 -17.62 0.76
CA CYS A 635 42.04 -16.64 0.99
C CYS A 635 40.75 -17.00 0.24
N PHE A 636 39.66 -16.34 0.60
CA PHE A 636 38.36 -16.52 -0.07
C PHE A 636 38.15 -15.17 -0.73
N GLY A 637 37.31 -15.13 -1.76
CA GLY A 637 37.06 -13.87 -2.43
C GLY A 637 35.73 -13.88 -3.16
N PRO A 638 35.15 -12.71 -3.42
CA PRO A 638 35.71 -11.39 -3.06
C PRO A 638 35.41 -11.02 -1.61
N ASP A 639 35.81 -9.81 -1.21
CA ASP A 639 35.55 -9.34 0.16
C ASP A 639 36.07 -10.27 1.26
N GLY A 640 37.06 -11.09 0.94
CA GLY A 640 37.62 -11.99 1.92
C GLY A 640 36.76 -13.17 2.36
N ASN A 641 35.53 -13.25 1.88
CA ASN A 641 34.63 -14.35 2.27
C ASN A 641 33.79 -14.95 1.14
N GLY A 642 34.06 -14.55 -0.09
CA GLY A 642 33.28 -15.07 -1.19
C GLY A 642 33.55 -16.53 -1.54
N PRO A 643 32.68 -17.12 -2.38
CA PRO A 643 32.79 -18.51 -2.81
C PRO A 643 33.76 -18.75 -3.98
N ASN A 644 35.00 -18.29 -3.79
CA ASN A 644 36.09 -18.46 -4.75
C ASN A 644 37.31 -18.61 -3.85
N LEU A 645 38.28 -19.44 -4.25
CA LEU A 645 39.46 -19.66 -3.42
C LEU A 645 40.78 -19.72 -4.16
N VAL A 646 41.85 -19.38 -3.42
CA VAL A 646 43.20 -19.46 -3.93
C VAL A 646 43.87 -20.52 -3.05
N ILE A 647 44.40 -21.56 -3.68
CA ILE A 647 45.09 -22.61 -2.97
C ILE A 647 46.54 -22.58 -3.41
N ASP A 648 47.46 -22.72 -2.47
CA ASP A 648 48.88 -22.72 -2.79
C ASP A 648 49.38 -24.14 -3.08
N GLN A 649 49.87 -24.35 -4.30
CA GLN A 649 50.43 -25.64 -4.67
C GLN A 649 51.89 -25.51 -5.15
N THR A 650 52.60 -24.51 -4.62
CA THR A 650 54.00 -24.31 -5.00
C THR A 650 54.91 -25.16 -4.10
N LYS A 651 56.08 -25.52 -4.58
CA LYS A 651 56.98 -26.36 -3.80
C LYS A 651 58.22 -25.70 -3.18
N ALA A 652 59.03 -25.03 -3.98
CA ALA A 652 60.22 -24.42 -3.42
C ALA A 652 60.45 -22.96 -3.78
N VAL A 653 59.45 -22.12 -3.55
CA VAL A 653 59.60 -20.69 -3.83
C VAL A 653 60.15 -20.01 -2.57
N GLN A 654 61.34 -19.45 -2.68
CA GLN A 654 62.03 -18.79 -1.57
C GLN A 654 61.31 -17.67 -0.84
N TYR A 655 60.87 -16.67 -1.59
CA TYR A 655 60.21 -15.53 -0.98
C TYR A 655 58.71 -15.56 -1.13
N LEU A 656 58.12 -16.74 -0.94
CA LEU A 656 56.68 -16.91 -1.06
C LEU A 656 55.94 -16.09 0.00
N HIS A 657 56.29 -16.31 1.26
CA HIS A 657 55.65 -15.61 2.36
C HIS A 657 55.56 -14.11 2.16
N GLU A 658 56.52 -13.53 1.44
CA GLU A 658 56.54 -12.08 1.23
C GLU A 658 55.58 -11.54 0.17
N ILE A 659 55.10 -12.40 -0.71
CA ILE A 659 54.19 -11.98 -1.76
C ILE A 659 52.75 -12.38 -1.46
N LYS A 660 52.56 -13.14 -0.40
CA LYS A 660 51.23 -13.60 -0.02
C LYS A 660 50.19 -12.49 0.02
N ASP A 661 50.50 -11.40 0.72
CA ASP A 661 49.56 -10.29 0.79
C ASP A 661 49.23 -9.74 -0.59
N SER A 662 50.23 -9.64 -1.47
CA SER A 662 49.98 -9.13 -2.81
C SER A 662 49.09 -10.09 -3.61
N VAL A 663 49.35 -11.39 -3.49
CA VAL A 663 48.56 -12.38 -4.19
C VAL A 663 47.10 -12.36 -3.71
N VAL A 664 46.91 -12.33 -2.38
CA VAL A 664 45.57 -12.28 -1.79
C VAL A 664 44.82 -11.05 -2.28
N ALA A 665 45.47 -9.89 -2.19
CA ALA A 665 44.89 -8.62 -2.60
C ALA A 665 44.47 -8.66 -4.07
N ALA A 666 45.31 -9.25 -4.91
CA ALA A 666 45.01 -9.35 -6.34
C ALA A 666 43.80 -10.25 -6.56
N PHE A 667 43.65 -11.26 -5.73
CA PHE A 667 42.51 -12.16 -5.85
C PHE A 667 41.22 -11.41 -5.49
N GLN A 668 41.26 -10.63 -4.42
CA GLN A 668 40.07 -9.88 -4.01
C GLN A 668 39.66 -8.98 -5.17
N TRP A 669 40.66 -8.48 -5.87
CA TRP A 669 40.41 -7.60 -7.01
C TRP A 669 39.88 -8.41 -8.20
N ALA A 670 40.50 -9.55 -8.49
CA ALA A 670 40.08 -10.38 -9.62
C ALA A 670 38.68 -10.99 -9.45
N THR A 671 38.37 -11.51 -8.26
CA THR A 671 37.06 -12.13 -8.00
C THR A 671 35.94 -11.12 -7.84
N LYS A 672 36.30 -9.89 -7.54
CA LYS A 672 35.30 -8.82 -7.41
C LYS A 672 34.91 -8.35 -8.80
N GLU A 673 35.88 -8.28 -9.70
CA GLU A 673 35.65 -7.84 -11.08
C GLU A 673 36.09 -8.86 -12.13
N GLY A 674 35.21 -9.79 -12.49
CA GLY A 674 35.55 -10.80 -13.49
C GLY A 674 35.94 -10.23 -14.84
N PRO A 675 36.67 -10.99 -15.67
CA PRO A 675 37.12 -10.57 -16.99
C PRO A 675 36.09 -10.67 -18.12
N ILE A 676 34.99 -11.35 -17.90
CA ILE A 676 33.98 -11.46 -18.95
C ILE A 676 33.34 -10.08 -19.18
N PHE A 677 32.85 -9.45 -18.12
CA PHE A 677 32.28 -8.12 -18.25
C PHE A 677 32.19 -7.36 -16.95
N GLY A 678 33.05 -7.73 -15.99
CA GLY A 678 33.08 -7.04 -14.72
C GLY A 678 32.19 -7.50 -13.58
N GLU A 679 31.49 -8.62 -13.75
CA GLU A 679 30.64 -9.13 -12.67
C GLU A 679 31.52 -9.94 -11.74
N GLU A 680 31.06 -10.19 -10.52
CA GLU A 680 31.84 -10.95 -9.58
C GLU A 680 31.96 -12.41 -10.00
N MET A 681 33.06 -13.04 -9.58
CA MET A 681 33.26 -14.44 -9.88
C MET A 681 32.50 -15.24 -8.84
N ARG A 682 32.28 -16.52 -9.13
CA ARG A 682 31.63 -17.43 -8.22
C ARG A 682 32.03 -18.85 -8.60
N SER A 683 32.29 -19.68 -7.60
CA SER A 683 32.64 -21.07 -7.82
C SER A 683 33.94 -21.23 -8.61
N VAL A 684 34.86 -20.31 -8.39
CA VAL A 684 36.15 -20.35 -9.08
C VAL A 684 37.28 -20.72 -8.11
N ARG A 685 38.02 -21.76 -8.46
CA ARG A 685 39.17 -22.18 -7.67
C ARG A 685 40.42 -21.90 -8.49
N VAL A 686 41.44 -21.34 -7.85
CA VAL A 686 42.69 -21.02 -8.51
C VAL A 686 43.85 -21.70 -7.79
N ASN A 687 44.61 -22.50 -8.53
CA ASN A 687 45.75 -23.20 -7.97
C ASN A 687 47.06 -22.57 -8.44
N ILE A 688 47.86 -22.09 -7.49
CA ILE A 688 49.13 -21.48 -7.84
C ILE A 688 50.12 -22.63 -8.00
N LEU A 689 50.56 -22.85 -9.22
CA LEU A 689 51.48 -23.95 -9.49
C LEU A 689 52.94 -23.59 -9.25
N ASP A 690 53.32 -22.35 -9.56
CA ASP A 690 54.71 -21.94 -9.36
C ASP A 690 54.87 -20.44 -9.50
N VAL A 691 55.85 -19.91 -8.79
CA VAL A 691 56.14 -18.49 -8.81
C VAL A 691 57.67 -18.27 -8.91
N THR A 692 58.09 -17.40 -9.83
CA THR A 692 59.49 -17.07 -9.98
C THR A 692 59.61 -15.57 -9.68
N LEU A 693 60.36 -15.25 -8.64
CA LEU A 693 60.53 -13.88 -8.19
C LEU A 693 61.94 -13.37 -8.38
N HIS A 694 62.09 -12.06 -8.34
CA HIS A 694 63.41 -11.45 -8.39
C HIS A 694 64.00 -11.59 -7.00
N ALA A 695 65.33 -11.72 -6.92
CA ALA A 695 66.00 -11.87 -5.64
C ALA A 695 65.79 -10.69 -4.70
N ASP A 696 65.77 -9.47 -5.24
CA ASP A 696 65.62 -8.25 -4.44
C ASP A 696 64.17 -7.79 -4.32
N ALA A 697 63.70 -7.59 -3.08
CA ALA A 697 62.32 -7.20 -2.78
C ALA A 697 61.88 -5.95 -3.48
N ILE A 698 62.81 -5.08 -3.82
CA ILE A 698 62.40 -3.91 -4.56
C ILE A 698 61.64 -4.41 -5.75
N DDE A 699 61.87 -5.23 -6.00
CA DDE A 699 61.24 -5.59 -7.30
C DDE A 699 60.04 -6.52 -7.14
O DDE A 699 59.37 -6.89 -8.11
CB DDE A 699 62.30 -6.22 -8.21
CG DDE A 699 63.41 -5.21 -8.39
ND1 DDE A 699 63.04 -3.99 -8.81
CD2 DDE A 699 64.71 -5.23 -8.23
CE1 DDE A 699 64.10 -3.22 -8.92
NE2 DDE A 699 65.24 -4.01 -8.53
NAD DDE A 699 63.52 2.52 -10.68
CBI DDE A 699 63.35 1.60 -9.79
OAG DDE A 699 62.24 0.97 -9.37
CBW DDE A 699 64.63 1.12 -9.03
NCB DDE A 699 65.99 1.73 -9.33
CAB DDE A 699 67.04 1.13 -8.50
CAC DDE A 699 66.52 1.48 -10.81
CAA DDE A 699 65.98 3.27 -9.09
CAU DDE A 699 64.82 -0.38 -9.30
CAT DDE A 699 64.18 -1.74 -9.36
N ARG A 700 59.36 -6.79 -6.71
CA ARG A 700 58.63 -7.93 -6.12
C ARG A 700 57.50 -7.36 -5.28
N GLY A 701 57.55 -6.02 -5.19
CA GLY A 701 56.61 -5.21 -4.45
C GLY A 701 55.21 -5.34 -4.97
N GLY A 702 54.22 -5.12 -4.13
CA GLY A 702 52.83 -5.23 -4.51
C GLY A 702 52.57 -4.63 -5.89
N GLY A 703 53.12 -3.44 -6.12
CA GLY A 703 52.93 -2.77 -7.38
C GLY A 703 53.37 -3.61 -8.56
N GLN A 704 54.10 -4.69 -8.29
CA GLN A 704 54.57 -5.57 -9.34
C GLN A 704 53.81 -6.88 -9.35
N ILE A 705 53.63 -7.46 -8.17
CA ILE A 705 52.96 -8.75 -8.03
C ILE A 705 51.44 -8.72 -8.04
N ILE A 706 50.84 -7.63 -7.56
CA ILE A 706 49.38 -7.55 -7.56
C ILE A 706 48.87 -7.60 -9.00
N PRO A 707 49.50 -6.86 -9.92
CA PRO A 707 49.05 -6.88 -11.32
C PRO A 707 49.27 -8.27 -11.95
N THR A 708 50.39 -8.88 -11.60
CA THR A 708 50.77 -10.21 -12.09
C THR A 708 49.73 -11.24 -11.69
N MET A 709 49.39 -11.28 -10.42
CA MET A 709 48.41 -12.22 -9.91
C MET A 709 47.02 -12.03 -10.55
N ARG A 710 46.60 -10.77 -10.71
CA ARG A 710 45.32 -10.46 -11.30
C ARG A 710 45.32 -10.80 -12.78
N ARG A 711 46.46 -10.54 -13.44
CA ARG A 711 46.57 -10.83 -14.85
C ARG A 711 46.59 -12.35 -15.04
N ALA A 712 47.31 -13.05 -14.20
CA ALA A 712 47.37 -14.51 -14.32
C ALA A 712 46.00 -15.12 -14.02
N THR A 713 45.31 -14.61 -13.00
CA THR A 713 44.01 -15.17 -12.65
C THR A 713 43.04 -15.01 -13.81
N TYR A 714 42.98 -13.80 -14.38
CA TYR A 714 42.10 -13.58 -15.51
C TYR A 714 42.41 -14.58 -16.64
N ALA A 715 43.70 -14.83 -16.86
CA ALA A 715 44.14 -15.75 -17.90
C ALA A 715 43.76 -17.22 -17.59
N GLY A 716 43.96 -17.63 -16.35
CA GLY A 716 43.61 -18.98 -15.97
C GLY A 716 42.11 -19.15 -16.10
N PHE A 717 41.38 -18.09 -15.73
CA PHE A 717 39.94 -18.09 -15.79
C PHE A 717 39.47 -18.30 -17.24
N LEU A 718 39.88 -17.41 -18.11
CA LEU A 718 39.52 -17.49 -19.52
C LEU A 718 39.92 -18.81 -20.18
N LEU A 719 41.00 -19.42 -19.68
CA LEU A 719 41.49 -20.69 -20.22
C LEU A 719 40.70 -21.88 -19.64
N ALA A 720 39.75 -21.61 -18.75
CA ALA A 720 38.98 -22.67 -18.12
C ALA A 720 37.52 -22.76 -18.56
N ASP A 721 37.27 -22.50 -19.85
CA ASP A 721 35.94 -22.58 -20.40
C ASP A 721 34.98 -21.72 -19.59
N PRO A 722 35.10 -20.40 -19.70
CA PRO A 722 34.31 -19.37 -19.02
C PRO A 722 32.81 -19.45 -19.27
N LYS A 723 32.05 -19.17 -18.21
CA LYS A 723 30.60 -19.18 -18.26
C LYS A 723 30.07 -18.13 -17.31
N ILE A 724 28.84 -17.66 -17.53
CA ILE A 724 28.24 -16.71 -16.59
C ILE A 724 27.06 -17.42 -15.94
N LEU A 730 12.20 -17.83 -9.36
CA LEU A 730 11.42 -17.59 -8.22
C LEU A 730 10.48 -16.52 -8.42
N VAL A 731 9.59 -16.94 -9.19
CA VAL A 731 8.46 -16.21 -9.46
C VAL A 731 7.36 -17.08 -8.90
N GLU A 732 6.65 -16.53 -7.93
CA GLU A 732 5.59 -17.24 -7.28
C GLU A 732 4.23 -16.72 -7.80
N ILE A 733 3.42 -17.60 -8.36
CA ILE A 733 2.14 -17.19 -8.91
C ILE A 733 0.91 -17.88 -8.30
N GLN A 734 -0.01 -17.09 -7.78
CA GLN A 734 -1.25 -17.61 -7.19
C GLN A 734 -2.37 -17.48 -8.22
N CYS A 735 -3.15 -18.54 -8.41
CA CYS A 735 -4.25 -18.50 -9.37
C CYS A 735 -5.12 -19.77 -9.31
N PRO A 736 -6.29 -19.68 -9.93
CA PRO A 736 -7.27 -20.81 -10.05
C PRO A 736 -6.74 -21.93 -10.90
N GLU A 737 -7.18 -23.17 -10.69
CA GLU A 737 -6.70 -24.31 -11.46
C GLU A 737 -6.78 -24.07 -12.98
N GLN A 738 -7.99 -23.97 -13.51
CA GLN A 738 -8.20 -23.80 -14.95
C GLN A 738 -7.30 -22.70 -15.58
N ALA A 739 -6.74 -21.82 -14.76
CA ALA A 739 -5.91 -20.74 -15.27
C ALA A 739 -4.43 -21.12 -15.34
N VAL A 740 -4.03 -22.07 -14.50
CA VAL A 740 -2.64 -22.52 -14.45
C VAL A 740 -2.04 -22.79 -15.82
N GLY A 741 -2.83 -23.30 -16.75
CA GLY A 741 -2.31 -23.60 -18.07
C GLY A 741 -1.69 -22.41 -18.79
N GLY A 742 -2.18 -21.21 -18.50
CA GLY A 742 -1.64 -20.02 -19.12
C GLY A 742 -0.25 -19.73 -18.62
N ILE A 743 -0.03 -20.05 -17.35
CA ILE A 743 1.26 -19.82 -16.71
C ILE A 743 2.36 -20.58 -17.44
N TYR A 744 2.13 -21.86 -17.70
CA TYR A 744 3.13 -22.67 -18.40
C TYR A 744 3.30 -22.16 -19.83
N SER A 745 2.20 -21.72 -20.41
CA SER A 745 2.24 -21.20 -21.76
C SER A 745 3.18 -20.00 -21.87
N VAL A 746 3.03 -19.04 -20.96
CA VAL A 746 3.88 -17.84 -20.97
C VAL A 746 5.34 -18.18 -20.66
N LEU A 747 5.55 -18.89 -19.56
CA LEU A 747 6.90 -19.29 -19.14
C LEU A 747 7.70 -19.92 -20.28
N ASN A 748 7.07 -20.86 -20.99
CA ASN A 748 7.76 -21.53 -22.10
C ASN A 748 8.16 -20.55 -23.19
N LYS A 749 7.45 -19.43 -23.28
CA LYS A 749 7.77 -18.43 -24.29
C LYS A 749 8.88 -17.53 -23.80
N LYS A 750 9.27 -17.67 -22.52
CA LYS A 750 10.30 -16.82 -21.96
C LYS A 750 11.41 -17.55 -21.19
N ARG A 751 11.95 -18.60 -21.81
CA ARG A 751 13.02 -19.40 -21.22
C ARG A 751 12.78 -19.67 -19.74
N GLY A 752 11.51 -19.76 -19.38
CA GLY A 752 11.15 -20.03 -17.99
C GLY A 752 11.29 -21.50 -17.67
N GLN A 753 11.06 -21.85 -16.40
CA GLN A 753 11.20 -23.22 -15.93
C GLN A 753 10.39 -23.39 -14.64
N VAL A 754 9.43 -24.31 -14.67
CA VAL A 754 8.59 -24.54 -13.50
C VAL A 754 9.40 -25.21 -12.41
N VAL A 755 9.08 -24.86 -11.17
CA VAL A 755 9.77 -25.38 -10.00
C VAL A 755 8.85 -26.17 -9.08
N SER A 756 7.68 -25.63 -8.78
CA SER A 756 6.76 -26.33 -7.89
C SER A 756 5.30 -25.94 -8.07
N GLU A 757 4.41 -26.93 -8.00
CA GLU A 757 2.98 -26.68 -8.14
C GLU A 757 2.24 -27.24 -6.93
N GLU A 758 2.01 -26.40 -5.93
CA GLU A 758 1.32 -26.82 -4.71
C GLU A 758 -0.11 -26.28 -4.63
N GLN A 759 -0.70 -26.36 -3.43
CA GLN A 759 -2.06 -25.88 -3.21
C GLN A 759 -2.25 -25.32 -1.81
N THR A 763 -8.85 -25.02 0.99
CA THR A 763 -8.73 -25.39 -0.42
C THR A 763 -8.64 -24.15 -1.31
N PRO A 764 -7.80 -23.16 -0.94
CA PRO A 764 -7.66 -21.95 -1.75
C PRO A 764 -7.29 -22.17 -3.22
N LEU A 765 -6.42 -21.32 -3.74
CA LEU A 765 -5.99 -21.40 -5.13
C LEU A 765 -4.75 -22.29 -5.29
N PHE A 766 -4.06 -22.09 -6.40
CA PHE A 766 -2.84 -22.83 -6.68
C PHE A 766 -1.70 -21.83 -6.55
N THR A 767 -0.48 -22.34 -6.50
CA THR A 767 0.67 -21.46 -6.42
C THR A 767 1.77 -22.15 -7.21
N VAL A 768 2.09 -21.58 -8.37
CA VAL A 768 3.13 -22.14 -9.21
C VAL A 768 4.41 -21.35 -8.99
N LYS A 769 5.51 -22.05 -8.73
CA LYS A 769 6.79 -21.40 -8.53
C LYS A 769 7.67 -21.74 -9.70
N ALA A 770 8.38 -20.75 -10.21
CA ALA A 770 9.23 -20.98 -11.35
C ALA A 770 10.38 -20.00 -11.43
N TYR A 771 11.37 -20.33 -12.24
CA TYR A 771 12.51 -19.49 -12.43
C TYR A 771 12.24 -18.73 -13.71
N LEU A 772 12.47 -17.43 -13.66
CA LEU A 772 12.25 -16.58 -14.82
C LEU A 772 13.44 -15.64 -14.97
N PRO A 773 14.17 -15.76 -16.10
CA PRO A 773 15.33 -14.88 -16.33
C PRO A 773 14.87 -13.43 -16.17
N VAL A 774 15.67 -12.58 -15.52
CA VAL A 774 15.27 -11.20 -15.35
C VAL A 774 15.11 -10.46 -16.67
N ASN A 775 15.97 -10.73 -17.65
CA ASN A 775 15.85 -10.04 -18.94
C ASN A 775 14.66 -10.53 -19.78
N GLU A 776 13.84 -11.40 -19.19
CA GLU A 776 12.65 -11.91 -19.87
C GLU A 776 11.42 -11.50 -19.06
N SER A 777 11.59 -10.62 -18.09
CA SER A 777 10.47 -10.20 -17.24
C SER A 777 9.87 -8.83 -17.52
N PHE A 778 10.31 -8.17 -18.57
CA PHE A 778 9.75 -6.87 -18.86
C PHE A 778 8.47 -7.07 -19.66
N GLY A 779 7.35 -6.74 -19.03
CA GLY A 779 6.06 -6.90 -19.66
C GLY A 779 5.44 -8.23 -19.30
N PHE A 780 6.17 -9.04 -18.53
CA PHE A 780 5.69 -10.35 -18.12
C PHE A 780 4.31 -10.29 -17.45
N THR A 781 4.18 -9.38 -16.49
CA THR A 781 2.91 -9.20 -15.78
C THR A 781 1.74 -9.00 -16.74
N GLY A 782 2.02 -8.36 -17.88
CA GLY A 782 0.98 -8.14 -18.87
C GLY A 782 0.63 -9.41 -19.63
N GLU A 783 1.65 -10.09 -20.15
CA GLU A 783 1.43 -11.33 -20.90
C GLU A 783 0.81 -12.41 -20.04
N LEU A 784 1.01 -12.33 -18.73
CA LEU A 784 0.46 -13.32 -17.83
C LEU A 784 -1.04 -13.13 -17.62
N ARG A 785 -1.49 -11.90 -17.38
CA ARG A 785 -2.92 -11.68 -17.18
C ARG A 785 -3.64 -12.01 -18.48
N GLN A 786 -2.99 -11.72 -19.58
CA GLN A 786 -3.55 -11.97 -20.90
C GLN A 786 -3.68 -13.46 -21.17
N ALA A 787 -2.80 -14.26 -20.59
CA ALA A 787 -2.82 -15.70 -20.81
C ALA A 787 -3.60 -16.44 -19.75
N THR A 788 -4.01 -15.74 -18.69
CA THR A 788 -4.78 -16.39 -17.62
C THR A 788 -6.11 -15.69 -17.43
N GLY A 789 -6.48 -14.85 -18.39
CA GLY A 789 -7.73 -14.13 -18.25
C GLY A 789 -7.74 -13.25 -17.02
N GLY A 790 -6.59 -12.63 -16.72
CA GLY A 790 -6.46 -11.73 -15.59
C GLY A 790 -6.68 -12.38 -14.23
N GLN A 791 -6.44 -13.68 -14.16
CA GLN A 791 -6.64 -14.43 -12.92
C GLN A 791 -5.36 -14.76 -12.16
N ALA A 792 -4.21 -14.67 -12.83
CA ALA A 792 -2.93 -14.97 -12.19
C ALA A 792 -2.28 -13.73 -11.59
N PHE A 793 -1.67 -13.90 -10.42
CA PHE A 793 -1.00 -12.83 -9.70
C PHE A 793 0.46 -13.19 -9.41
N PRO A 794 1.40 -12.57 -10.13
CA PRO A 794 2.85 -12.81 -9.97
C PRO A 794 3.53 -12.11 -8.81
N GLN A 795 4.69 -12.67 -8.45
CA GLN A 795 5.53 -12.19 -7.37
C GLN A 795 6.93 -12.62 -7.80
N MET A 796 7.90 -11.74 -7.70
CA MET A 796 9.25 -12.10 -8.13
C MET A 796 10.34 -11.57 -7.21
N VAL A 797 11.34 -12.41 -6.95
CA VAL A 797 12.48 -12.01 -6.13
C VAL A 797 13.74 -12.60 -6.78
N PHE A 798 14.84 -11.86 -6.76
CA PHE A 798 16.09 -12.35 -7.36
C PHE A 798 16.51 -13.64 -6.66
N ASP A 799 16.84 -14.66 -7.43
CA ASP A 799 17.22 -15.92 -6.83
C ASP A 799 18.67 -16.35 -7.00
N HIS A 800 19.13 -16.43 -8.24
CA HIS A 800 20.49 -16.88 -8.50
C HIS A 800 21.00 -16.41 -9.85
N TRP A 801 21.80 -19.63 -8.10
CA TRP A 801 22.48 -19.19 -9.32
C TRP A 801 22.48 -20.38 -10.28
N SER A 802 22.30 -20.12 -11.57
CA SER A 802 22.28 -21.21 -12.55
C SER A 802 23.24 -20.90 -13.70
N THR A 803 24.11 -21.84 -14.03
CA THR A 803 25.09 -21.64 -15.09
C THR A 803 24.56 -21.80 -16.51
N LEU A 804 24.63 -20.74 -17.30
CA LEU A 804 24.17 -20.78 -18.69
C LEU A 804 25.24 -21.51 -19.48
N GLY A 805 24.82 -22.52 -20.24
CA GLY A 805 25.75 -23.31 -21.02
C GLY A 805 26.35 -22.66 -22.24
N SER A 806 25.70 -21.62 -22.76
CA SER A 806 26.21 -20.93 -23.95
C SER A 806 27.49 -20.13 -23.70
N ASP A 807 28.20 -19.88 -24.79
CA ASP A 807 29.47 -19.14 -24.76
C ASP A 807 29.30 -17.64 -24.46
N PRO A 808 29.87 -17.17 -23.34
CA PRO A 808 29.77 -15.76 -22.97
C PRO A 808 30.49 -14.84 -23.97
N LEU A 809 31.47 -15.41 -24.68
CA LEU A 809 32.26 -14.67 -25.65
C LEU A 809 31.69 -14.69 -27.08
N ASP A 810 30.57 -15.36 -27.27
CA ASP A 810 29.92 -15.40 -28.57
C ASP A 810 28.75 -14.42 -28.50
N PRO A 811 28.92 -13.22 -29.07
CA PRO A 811 27.89 -12.18 -29.09
C PRO A 811 26.48 -12.62 -29.48
N THR A 812 26.35 -13.80 -30.08
CA THR A 812 25.04 -14.27 -30.53
C THR A 812 24.39 -15.37 -29.71
N SER A 813 25.09 -15.89 -28.71
CA SER A 813 24.51 -16.94 -27.88
C SER A 813 23.71 -16.25 -26.77
N LYS A 814 22.91 -17.01 -26.03
CA LYS A 814 22.11 -16.43 -24.95
C LYS A 814 22.95 -15.69 -23.92
N ALA A 815 24.02 -16.32 -23.46
CA ALA A 815 24.90 -15.70 -22.50
C ALA A 815 25.59 -14.52 -23.15
N GLY A 816 26.10 -14.72 -24.36
CA GLY A 816 26.80 -13.68 -25.11
C GLY A 816 26.00 -12.42 -25.35
N GLU A 817 24.70 -12.56 -25.58
CA GLU A 817 23.85 -11.41 -25.80
C GLU A 817 23.81 -10.57 -24.54
N ILE A 818 23.68 -11.26 -23.41
CA ILE A 818 23.63 -10.60 -22.10
C ILE A 818 24.95 -9.87 -21.86
N VAL A 819 26.07 -10.52 -22.21
CA VAL A 819 27.39 -9.93 -22.04
C VAL A 819 27.62 -8.73 -22.97
N LEU A 820 27.11 -8.82 -24.19
CA LEU A 820 27.27 -7.73 -25.15
C LEU A 820 26.44 -6.51 -24.74
N ALA A 821 25.26 -6.76 -24.20
CA ALA A 821 24.37 -5.69 -23.76
C ALA A 821 24.97 -4.96 -22.55
N ALA A 822 25.54 -5.69 -21.61
CA ALA A 822 26.13 -5.06 -20.43
C ALA A 822 27.39 -4.27 -20.79
N ARG A 823 28.18 -4.81 -21.72
CA ARG A 823 29.40 -4.14 -22.16
C ARG A 823 29.09 -2.81 -22.84
N LYS A 824 28.10 -2.82 -23.72
CA LYS A 824 27.74 -1.58 -24.40
C LYS A 824 27.20 -0.60 -23.38
N ARG A 825 26.33 -1.11 -22.50
CA ARG A 825 25.74 -0.26 -21.46
C ARG A 825 26.79 0.40 -20.56
N HIS A 826 27.96 -0.21 -20.43
CA HIS A 826 29.03 0.34 -19.59
C HIS A 826 30.13 1.05 -20.39
N GLY A 827 29.94 1.17 -21.70
CA GLY A 827 30.93 1.84 -22.52
C GLY A 827 32.26 1.11 -22.68
N MET A 828 32.23 -0.22 -22.61
CA MET A 828 33.44 -1.01 -22.77
C MET A 828 33.52 -1.37 -24.25
N LYS A 829 34.63 -1.93 -24.69
CA LYS A 829 34.73 -2.35 -26.08
C LYS A 829 33.85 -3.59 -26.18
N GLU A 830 33.20 -3.80 -27.31
CA GLU A 830 32.31 -4.95 -27.45
C GLU A 830 33.00 -6.30 -27.33
N GLU A 831 34.07 -6.52 -28.08
CA GLU A 831 34.77 -7.79 -28.02
C GLU A 831 35.32 -8.01 -26.61
N VAL A 832 35.15 -9.22 -26.11
CA VAL A 832 35.65 -9.57 -24.78
C VAL A 832 37.11 -9.97 -24.97
N PRO A 833 38.04 -9.32 -24.25
CA PRO A 833 39.42 -9.73 -24.44
C PRO A 833 39.57 -11.22 -24.13
N GLY A 834 40.25 -11.94 -25.01
CA GLY A 834 40.46 -13.36 -24.81
C GLY A 834 41.64 -13.67 -23.91
N TRP A 835 41.78 -14.93 -23.52
CA TRP A 835 42.86 -15.33 -22.63
C TRP A 835 44.26 -14.93 -23.10
N GLN A 836 44.50 -14.99 -24.41
CA GLN A 836 45.81 -14.64 -24.94
C GLN A 836 46.21 -13.24 -24.49
N GLU A 837 45.22 -12.38 -24.25
CA GLU A 837 45.46 -11.00 -23.83
C GLU A 837 46.08 -10.86 -22.43
N TYR A 838 46.07 -11.95 -21.66
CA TYR A 838 46.61 -11.92 -20.30
C TYR A 838 47.72 -12.92 -20.13
N TYR A 839 48.04 -13.63 -21.21
CA TYR A 839 49.08 -14.64 -21.20
C TYR A 839 50.39 -14.07 -21.70
N ASP A 840 51.46 -14.24 -20.93
CA ASP A 840 52.77 -13.73 -21.30
C ASP A 840 53.66 -14.92 -21.58
N LYS A 841 53.81 -15.24 -22.87
CA LYS A 841 54.62 -16.35 -23.32
C LYS A 841 56.04 -16.24 -22.75
N LEU A 842 56.66 -17.39 -22.49
CA LEU A 842 58.03 -17.42 -21.96
C LEU A 842 59.08 -17.08 -23.02
N1 APR B . 64.62 3.50 -14.13
C2 APR B . 65.95 3.44 -13.65
N3 APR B . 66.59 4.21 -12.80
C4 APR B . 65.77 5.23 -12.33
C5 APR B . 64.40 5.43 -12.71
C6 APR B . 63.80 4.52 -13.68
N6 APR B . 62.55 4.59 -14.11
N7 APR B . 63.88 6.54 -12.08
C8 APR B . 64.88 7.01 -11.28
N9 APR B . 66.05 6.25 -11.39
C1' APR B . 67.39 6.42 -10.68
C2' APR B . 67.27 6.60 -9.14
O2' APR B . 67.06 8.01 -8.74
C3' APR B . 68.62 6.04 -8.57
O3' APR B . 69.55 7.00 -8.07
O4' APR B . 68.29 5.36 -10.92
C4' APR B . 69.13 5.12 -9.78
C5' APR B . 69.10 3.66 -9.55
O5' APR B . 70.41 3.30 -9.28
PA APR B . 70.87 1.87 -9.72
O1A APR B . 72.35 1.74 -9.31
O2A APR B . 70.56 1.73 -11.24
O3A APR B . 69.95 0.95 -8.74
PB APR B . 70.58 -0.54 -8.18
O1B APR B . 71.59 -1.28 -9.03
O2B APR B . 71.27 -0.31 -6.84
O5D APR B . 69.32 -1.36 -7.89
C5D APR B . 68.52 -1.24 -6.76
O4D APR B . 66.63 -2.23 -7.65
C1D APR B . 66.45 -3.36 -8.59
O2D APR B . 67.54 -5.60 -8.17
C2D APR B . 67.72 -4.17 -8.32
O3D APR B . 67.93 -4.73 -5.90
C3D APR B . 68.23 -3.77 -6.93
C4D APR B . 67.66 -2.43 -6.61
O14 SO1 C . 19.96 -6.52 -6.24
C5 SO1 C . 20.14 -6.82 -7.44
O15 SO1 C . 20.92 -6.25 -8.23
C1 SO1 C . 19.27 -8.04 -7.99
C4 SO1 C . 18.24 -7.52 -9.13
C12 SO1 C . 17.34 -8.62 -9.25
C6 SO1 C . 17.89 -9.66 -8.27
C10 SO1 C . 19.11 -10.34 -8.99
C3 SO1 C . 20.22 -9.30 -8.56
C11 SO1 C . 21.05 -8.75 -9.76
O19 SO1 C . 20.88 -9.03 -10.93
C9 SO1 C . 21.15 -9.78 -7.34
C18 SO1 C . 22.19 -10.87 -7.47
C24 SO1 C . 22.62 -11.04 -6.00
C22 SO1 C . 21.37 -10.73 -5.11
C25 SO1 C . 21.71 -9.59 -4.13
C16 SO1 C . 20.29 -10.41 -6.16
C7 SO1 C . 19.07 -9.53 -5.77
C2 SO1 C . 18.33 -8.81 -7.03
C8 SO1 C . 17.18 -8.06 -6.26
O17 SO1 C . 16.17 -9.00 -5.97
C52 SO1 C . 15.07 -8.47 -5.30
O56 SO1 C . 15.49 -7.80 -4.05
C56 SO1 C . 14.40 -7.18 -3.33
C61 SO1 C . 14.99 -6.52 -2.08
C55 SO1 C . 13.30 -8.25 -2.98
O64 SO1 C . 12.19 -7.63 -2.28
C65 SO1 C . 12.03 -8.04 -0.91
C54 SO1 C . 12.78 -8.91 -4.29
O60 SO1 C . 12.20 -7.91 -5.13
C53 SO1 C . 13.97 -9.57 -5.02
O57 SO1 C . 14.50 -10.60 -4.20
C13 SO1 C . 18.26 -6.19 -9.90
C20 SO1 C . 17.69 -6.34 -11.34
C21 SO1 C . 17.46 -5.08 -9.17
PB GDP D . -14.59 12.48 -6.94
O1B GDP D . -14.88 11.03 -6.94
O2B GDP D . -13.31 12.85 -7.67
O3B GDP D . -14.63 13.10 -5.54
O3A GDP D . -15.83 13.21 -7.79
PA GDP D . -16.14 14.72 -8.06
O1A GDP D . -14.90 15.52 -8.25
O2A GDP D . -17.08 15.28 -7.02
O5' GDP D . -16.95 14.64 -9.43
C5' GDP D . -16.34 14.16 -10.62
C4' GDP D . -17.15 14.63 -11.80
O4' GDP D . -18.49 14.07 -11.67
C3' GDP D . -17.29 16.17 -11.89
O3' GDP D . -17.23 16.47 -13.33
C2' GDP D . -18.67 16.42 -11.31
O2' GDP D . -19.22 17.64 -11.75
C1' GDP D . -19.42 15.13 -11.67
N9 GDP D . -20.57 14.82 -10.63
C8 GDP D . -20.47 14.80 -9.26
N7 GDP D . -21.65 14.50 -8.70
C5 GDP D . -22.54 14.32 -9.78
C6 GDP D . -23.92 14.00 -9.80
O6 GDP D . -24.65 13.80 -8.82
N1 GDP D . -24.46 13.92 -11.11
C2 GDP D . -23.70 14.13 -12.26
N2 GDP D . -24.31 14.03 -13.46
N3 GDP D . -22.39 14.44 -12.22
C4 GDP D . -21.88 14.52 -10.96
#